data_4LEZ
#
_entry.id   4LEZ
#
_cell.length_a   79.209
_cell.length_b   99.031
_cell.length_c   142.631
_cell.angle_alpha   90.00
_cell.angle_beta   90.00
_cell.angle_gamma   90.00
#
_symmetry.space_group_name_H-M   'P 21 21 21'
#
loop_
_entity.id
_entity.type
_entity.pdbx_description
1 polymer 'Cyclic GMP-AMP synthase'
2 polymer '18bp dsDNA'
3 non-polymer 'ZINC ION'
4 non-polymer cGAMP
5 water water
#
loop_
_entity_poly.entity_id
_entity_poly.type
_entity_poly.pdbx_seq_one_letter_code
_entity_poly.pdbx_strand_id
1 'polypeptide(L)'
;GSRKEPDKLKKVLDKLRLKRKDISEAAETVNKVVERLLRRMQKRESEFKGVEQLNTGSYYEHVKISAPNEFDVMFKLEVP
RIELQEYYETGAFYLVKFKRIPRGNPLSHFLEGEVLSATKMLSKFRKIIKEEVKEIKDIDVSVEKEKPGSPAVTLLIRNP
EEISVDIILALESKGSWPISTKEGLPIQGWLGTKVRTNLRREPFYLVPKNAKDGNSFQGETWRLSFSHTEKYILNNHGIE
KTCCESSGAKCCRKECLKLMKYLLEQLKKEFQELDAFCSYHVKTAIFHMWTQDPQDSQWDPRNLSSCFDKLLAFFLECLR
TEKLDHYFIPKFNLFSQELIDRKSKEFLSKKIEYERNNGFPIFDKL
;
A,C
2 'polydeoxyribonucleotide' (DA)(DT)(DC)(DT)(DG)(DT)(DA)(DC)(DA)(DT)(DG)(DT)(DA)(DC)(DA)(DG)(DA)(DT) E,F,I,J
#
loop_
_chem_comp.id
_chem_comp.type
_chem_comp.name
_chem_comp.formula
1SY non-polymer cGAMP 'C20 H24 N10 O13 P2'
DA DNA linking 2'-DEOXYADENOSINE-5'-MONOPHOSPHATE 'C10 H14 N5 O6 P'
DC DNA linking 2'-DEOXYCYTIDINE-5'-MONOPHOSPHATE 'C9 H14 N3 O7 P'
DG DNA linking 2'-DEOXYGUANOSINE-5'-MONOPHOSPHATE 'C10 H14 N5 O7 P'
DT DNA linking THYMIDINE-5'-MONOPHOSPHATE 'C10 H15 N2 O8 P'
ZN non-polymer 'ZINC ION' 'Zn 2'
#
# COMPACT_ATOMS: atom_id res chain seq x y z
N LYS A 8 17.03 -32.64 3.48
CA LYS A 8 17.59 -32.38 4.81
C LYS A 8 16.61 -31.58 5.67
N LEU A 9 16.82 -30.27 5.76
CA LEU A 9 15.81 -29.40 6.35
C LEU A 9 14.64 -29.27 5.39
N LYS A 10 14.92 -29.51 4.11
CA LYS A 10 13.89 -29.44 3.09
C LYS A 10 12.88 -30.58 3.27
N LYS A 11 13.38 -31.75 3.64
CA LYS A 11 12.50 -32.89 3.92
C LYS A 11 11.62 -32.63 5.15
N VAL A 12 12.21 -32.01 6.18
CA VAL A 12 11.43 -31.53 7.32
C VAL A 12 10.33 -30.56 6.90
N LEU A 13 10.64 -29.59 6.04
CA LEU A 13 9.61 -28.64 5.58
C LEU A 13 8.51 -29.36 4.80
N ASP A 14 8.89 -30.33 3.98
CA ASP A 14 7.93 -31.23 3.33
C ASP A 14 7.01 -31.92 4.34
N LYS A 15 7.56 -32.32 5.47
CA LYS A 15 6.74 -32.92 6.53
C LYS A 15 5.81 -31.88 7.18
N LEU A 16 6.31 -30.67 7.40
CA LEU A 16 5.53 -29.61 8.04
C LEU A 16 4.48 -28.97 7.13
N ARG A 17 4.55 -29.25 5.83
CA ARG A 17 3.62 -28.65 4.87
C ARG A 17 2.20 -29.14 5.11
N LEU A 18 1.27 -28.21 5.20
CA LEU A 18 -0.15 -28.53 5.39
C LEU A 18 -0.75 -29.12 4.14
N LYS A 19 -1.72 -30.02 4.33
CA LYS A 19 -2.45 -30.65 3.22
C LYS A 19 -3.74 -29.90 2.90
N ARG A 20 -3.99 -29.71 1.61
CA ARG A 20 -5.17 -28.99 1.16
C ARG A 20 -6.49 -29.60 1.65
N LYS A 21 -6.60 -30.93 1.60
CA LYS A 21 -7.84 -31.59 2.01
C LYS A 21 -8.14 -31.26 3.47
N ASP A 22 -7.09 -31.26 4.29
CA ASP A 22 -7.20 -30.92 5.71
C ASP A 22 -7.61 -29.46 5.89
N ILE A 23 -7.01 -28.59 5.09
CA ILE A 23 -7.27 -27.17 5.14
C ILE A 23 -8.74 -26.89 4.81
N SER A 24 -9.25 -27.54 3.76
CA SER A 24 -10.67 -27.45 3.37
C SER A 24 -11.55 -27.86 4.55
N GLU A 25 -11.35 -29.08 5.03
CA GLU A 25 -12.17 -29.59 6.13
C GLU A 25 -12.19 -28.67 7.36
N ALA A 26 -11.01 -28.29 7.84
CA ALA A 26 -10.94 -27.46 9.05
C ALA A 26 -11.58 -26.09 8.83
N ALA A 27 -11.27 -25.48 7.70
CA ALA A 27 -11.77 -24.14 7.39
C ALA A 27 -13.31 -24.04 7.22
N GLU A 28 -13.94 -25.06 6.64
CA GLU A 28 -15.39 -25.02 6.46
C GLU A 28 -16.08 -24.89 7.84
N THR A 29 -15.63 -25.72 8.76
CA THR A 29 -16.18 -25.76 10.11
C THR A 29 -15.86 -24.49 10.89
N VAL A 30 -14.58 -24.11 10.87
CA VAL A 30 -14.14 -22.95 11.62
C VAL A 30 -14.93 -21.76 11.15
N ASN A 31 -15.01 -21.57 9.85
CA ASN A 31 -15.72 -20.42 9.32
C ASN A 31 -17.20 -20.42 9.68
N LYS A 32 -17.84 -21.60 9.67
CA LYS A 32 -19.23 -21.65 10.16
C LYS A 32 -19.36 -21.15 11.60
N VAL A 33 -18.52 -21.68 12.50
CA VAL A 33 -18.62 -21.33 13.91
C VAL A 33 -18.32 -19.85 14.18
N VAL A 34 -17.22 -19.37 13.59
CA VAL A 34 -16.85 -17.95 13.68
C VAL A 34 -17.96 -17.05 13.12
N GLU A 35 -18.47 -17.41 11.95
CA GLU A 35 -19.58 -16.68 11.33
C GLU A 35 -20.77 -16.53 12.28
N ARG A 36 -21.12 -17.65 12.93
CA ARG A 36 -22.28 -17.66 13.80
C ARG A 36 -22.06 -16.82 15.06
N LEU A 37 -20.85 -16.90 15.61
CA LEU A 37 -20.51 -16.08 16.77
C LEU A 37 -20.49 -14.59 16.47
N LEU A 38 -19.85 -14.22 15.35
CA LEU A 38 -19.80 -12.82 14.97
C LEU A 38 -21.22 -12.31 14.77
N ARG A 39 -22.06 -13.12 14.12
CA ARG A 39 -23.46 -12.72 13.93
C ARG A 39 -24.20 -12.52 15.26
N ARG A 40 -24.03 -13.44 16.21
CA ARG A 40 -24.67 -13.33 17.52
C ARG A 40 -24.22 -12.08 18.27
N MET A 41 -22.96 -11.69 18.07
CA MET A 41 -22.42 -10.50 18.71
C MET A 41 -23.09 -9.26 18.12
N GLN A 42 -23.55 -9.41 16.89
CA GLN A 42 -24.04 -8.30 16.08
C GLN A 42 -25.54 -8.11 16.24
N LYS A 43 -26.10 -8.64 17.32
CA LYS A 43 -27.55 -8.72 17.46
C LYS A 43 -28.10 -8.16 18.77
N ARG A 44 -29.43 -8.08 18.80
CA ARG A 44 -30.18 -7.60 19.95
C ARG A 44 -29.66 -6.27 20.45
N GLU A 45 -29.34 -6.23 21.74
CA GLU A 45 -28.76 -5.05 22.35
C GLU A 45 -27.56 -5.47 23.20
N SER A 46 -26.63 -6.18 22.55
CA SER A 46 -25.42 -6.63 23.23
C SER A 46 -24.38 -5.54 23.24
N GLU A 47 -23.52 -5.57 24.24
CA GLU A 47 -22.50 -4.55 24.43
C GLU A 47 -21.46 -4.56 23.30
N PHE A 48 -21.46 -5.61 22.50
CA PHE A 48 -20.39 -5.84 21.53
C PHE A 48 -20.84 -5.61 20.10
N LYS A 49 -22.08 -5.13 19.95
CA LYS A 49 -22.60 -4.75 18.64
C LYS A 49 -21.62 -3.76 18.01
N GLY A 50 -21.31 -3.95 16.73
CA GLY A 50 -20.26 -3.17 16.09
C GLY A 50 -18.91 -3.87 16.06
N VAL A 51 -18.79 -4.99 16.76
CA VAL A 51 -17.54 -5.75 16.74
C VAL A 51 -17.27 -6.24 15.30
N GLU A 52 -15.99 -6.29 14.94
CA GLU A 52 -15.59 -6.62 13.58
C GLU A 52 -14.51 -7.69 13.59
N GLN A 53 -14.42 -8.45 12.51
CA GLN A 53 -13.56 -9.61 12.49
C GLN A 53 -12.21 -9.39 11.79
N LEU A 54 -11.15 -9.89 12.39
CA LEU A 54 -9.82 -9.78 11.83
C LEU A 54 -9.11 -11.10 12.05
N ASN A 55 -8.88 -11.85 10.98
CA ASN A 55 -8.21 -13.14 11.11
C ASN A 55 -6.71 -12.95 11.27
N THR A 56 -6.13 -13.48 12.34
CA THR A 56 -4.71 -13.28 12.57
C THR A 56 -3.93 -14.55 12.89
N GLY A 57 -2.64 -14.37 13.13
CA GLY A 57 -1.81 -15.46 13.59
C GLY A 57 -1.30 -16.35 12.46
N SER A 58 -0.68 -17.46 12.88
CA SER A 58 0.14 -18.29 12.00
C SER A 58 -0.58 -18.73 10.74
N TYR A 59 -1.74 -19.35 10.94
CA TYR A 59 -2.50 -19.89 9.81
C TYR A 59 -2.74 -18.87 8.67
N TYR A 60 -3.11 -17.64 9.03
CA TYR A 60 -3.32 -16.57 8.04
C TYR A 60 -2.03 -15.85 7.63
N GLU A 61 -0.93 -16.17 8.31
CA GLU A 61 0.40 -15.67 7.93
C GLU A 61 1.08 -16.70 7.02
N HIS A 62 0.46 -17.88 6.90
CA HIS A 62 1.00 -19.02 6.12
C HIS A 62 2.28 -19.58 6.75
N VAL A 63 2.34 -19.57 8.08
CA VAL A 63 3.46 -20.19 8.78
C VAL A 63 2.99 -21.22 9.84
N LYS A 64 1.72 -21.62 9.73
CA LYS A 64 1.20 -22.75 10.50
C LYS A 64 1.82 -24.07 10.02
N ILE A 65 2.21 -24.93 10.95
CA ILE A 65 2.90 -26.15 10.56
C ILE A 65 2.14 -27.40 11.00
N SER A 66 2.47 -28.51 10.34
CA SER A 66 2.01 -29.85 10.72
C SER A 66 0.54 -30.14 10.41
N ALA A 67 -0.36 -29.33 10.94
CA ALA A 67 -1.79 -29.54 10.75
C ALA A 67 -2.51 -28.21 10.92
N PRO A 68 -3.59 -28.02 10.17
CA PRO A 68 -4.31 -26.78 10.43
C PRO A 68 -5.28 -26.99 11.60
N ASN A 69 -4.75 -26.95 12.81
CA ASN A 69 -5.55 -27.23 14.01
C ASN A 69 -5.55 -26.08 14.99
N GLU A 70 -5.14 -24.89 14.55
CA GLU A 70 -5.17 -23.71 15.40
C GLU A 70 -5.50 -22.52 14.55
N PHE A 71 -6.49 -21.74 14.98
CA PHE A 71 -6.90 -20.52 14.28
C PHE A 71 -7.05 -19.35 15.26
N ASP A 72 -6.48 -18.20 14.89
CA ASP A 72 -6.63 -17.00 15.71
C ASP A 72 -7.60 -16.06 15.02
N VAL A 73 -8.62 -15.61 15.75
CA VAL A 73 -9.47 -14.58 15.19
C VAL A 73 -9.78 -13.47 16.21
N MET A 74 -9.56 -12.25 15.79
CA MET A 74 -9.78 -11.10 16.62
C MET A 74 -11.18 -10.53 16.38
N PHE A 75 -11.98 -10.44 17.45
CA PHE A 75 -13.21 -9.66 17.42
C PHE A 75 -12.87 -8.33 18.06
N LYS A 76 -12.87 -7.29 17.23
CA LYS A 76 -12.31 -5.99 17.59
C LYS A 76 -13.39 -4.92 17.59
N LEU A 77 -13.37 -4.05 18.59
CA LEU A 77 -14.43 -3.09 18.78
C LEU A 77 -13.85 -1.70 18.90
N GLU A 78 -14.28 -0.80 18.02
CA GLU A 78 -13.80 0.59 18.04
C GLU A 78 -14.30 1.35 19.27
N VAL A 79 -13.36 1.91 20.01
CA VAL A 79 -13.69 2.68 21.20
C VAL A 79 -13.24 4.13 21.02
N PRO A 80 -14.16 4.99 20.53
CA PRO A 80 -13.96 6.38 20.11
C PRO A 80 -13.09 7.24 21.04
N ARG A 81 -13.69 8.14 21.80
CA ARG A 81 -12.89 8.92 22.75
C ARG A 81 -12.26 7.95 23.72
N ILE A 82 -10.95 8.05 23.90
CA ILE A 82 -10.24 7.10 24.75
C ILE A 82 -8.96 7.70 25.29
N GLU A 83 -8.72 7.48 26.58
CA GLU A 83 -7.51 7.95 27.20
C GLU A 83 -6.75 6.76 27.78
N LEU A 84 -5.45 6.71 27.52
CA LEU A 84 -4.65 5.61 28.02
C LEU A 84 -3.70 6.06 29.13
N GLN A 85 -3.71 5.33 30.24
CA GLN A 85 -2.68 5.51 31.26
C GLN A 85 -1.75 4.30 31.23
N GLU A 86 -0.44 4.56 31.21
CA GLU A 86 0.55 3.48 31.21
C GLU A 86 0.61 2.80 32.58
N TYR A 87 0.81 1.49 32.58
CA TYR A 87 0.95 0.76 33.82
C TYR A 87 2.41 0.67 34.26
N TYR A 88 2.87 1.68 35.01
CA TYR A 88 4.20 1.68 35.59
C TYR A 88 5.35 1.54 34.59
N GLU A 89 5.38 2.40 33.57
CA GLU A 89 6.49 2.43 32.62
C GLU A 89 6.86 1.04 32.05
N THR A 90 5.85 0.21 31.82
CA THR A 90 6.10 -1.12 31.27
C THR A 90 6.00 -1.10 29.75
N GLY A 91 5.56 0.03 29.21
CA GLY A 91 5.44 0.16 27.76
C GLY A 91 4.29 -0.60 27.12
N ALA A 92 4.05 -1.82 27.57
CA ALA A 92 3.04 -2.68 26.92
C ALA A 92 1.69 -2.75 27.62
N PHE A 93 1.61 -2.28 28.86
CA PHE A 93 0.40 -2.46 29.66
C PHE A 93 -0.29 -1.13 30.01
N TYR A 94 -1.61 -1.08 29.88
CA TYR A 94 -2.37 0.17 30.09
C TYR A 94 -3.70 0.00 30.81
N LEU A 95 -4.11 1.05 31.52
CA LEU A 95 -5.51 1.23 31.90
C LEU A 95 -6.18 2.11 30.84
N VAL A 96 -7.40 1.75 30.48
CA VAL A 96 -8.21 2.52 29.56
C VAL A 96 -9.24 3.32 30.33
N LYS A 97 -9.30 4.62 30.07
CA LYS A 97 -10.26 5.51 30.72
C LYS A 97 -11.09 6.24 29.67
N PHE A 98 -12.41 6.25 29.87
CA PHE A 98 -13.26 7.15 29.13
C PHE A 98 -13.33 8.44 29.93
N LYS A 99 -12.65 9.49 29.48
CA LYS A 99 -12.72 10.77 30.16
C LYS A 99 -13.96 11.56 29.72
N ARG A 100 -14.94 10.82 29.17
CA ARG A 100 -16.23 11.38 28.79
C ARG A 100 -17.36 10.73 29.59
N ILE A 101 -18.60 11.13 29.27
CA ILE A 101 -19.79 10.61 29.95
C ILE A 101 -20.40 9.49 29.10
N PRO A 102 -21.08 8.51 29.74
CA PRO A 102 -21.71 7.38 29.06
C PRO A 102 -22.49 7.72 27.79
N ARG A 103 -23.46 8.63 27.89
CA ARG A 103 -24.33 8.98 26.77
C ARG A 103 -25.09 7.76 26.25
N GLY A 104 -25.38 6.82 27.15
CA GLY A 104 -26.02 5.57 26.77
C GLY A 104 -25.02 4.53 26.31
N ASN A 105 -23.83 4.56 26.92
CA ASN A 105 -22.72 3.72 26.50
C ASN A 105 -22.93 2.22 26.74
N PRO A 106 -22.76 1.40 25.68
CA PRO A 106 -22.82 -0.05 25.81
C PRO A 106 -21.73 -0.58 26.74
N LEU A 107 -20.70 0.23 26.98
CA LEU A 107 -19.61 -0.15 27.87
C LEU A 107 -19.69 0.46 29.28
N SER A 108 -20.81 1.10 29.59
CA SER A 108 -21.02 1.63 30.94
C SER A 108 -21.02 0.48 31.93
N HIS A 109 -21.66 -0.63 31.56
CA HIS A 109 -21.75 -1.81 32.40
C HIS A 109 -20.39 -2.34 32.89
N PHE A 110 -19.34 -2.08 32.12
CA PHE A 110 -18.00 -2.57 32.47
C PHE A 110 -17.12 -1.50 33.11
N LEU A 111 -17.64 -0.28 33.20
CA LEU A 111 -16.90 0.81 33.83
C LEU A 111 -16.71 0.52 35.32
N GLU A 112 -15.48 0.73 35.80
CA GLU A 112 -15.18 0.55 37.20
C GLU A 112 -14.64 1.85 37.77
N GLY A 113 -15.49 2.88 37.75
CA GLY A 113 -15.12 4.20 38.22
C GLY A 113 -14.00 4.82 37.40
N GLU A 114 -14.39 5.49 36.31
CA GLU A 114 -13.46 6.06 35.32
C GLU A 114 -12.80 5.04 34.38
N VAL A 115 -12.48 3.85 34.88
CA VAL A 115 -11.76 2.87 34.04
C VAL A 115 -12.61 1.72 33.50
N LEU A 116 -12.14 1.15 32.39
CA LEU A 116 -12.79 0.02 31.76
C LEU A 116 -12.16 -1.28 32.24
N SER A 117 -12.98 -2.16 32.81
CA SER A 117 -12.49 -3.43 33.36
C SER A 117 -12.37 -4.49 32.27
N ALA A 118 -11.14 -4.97 32.06
CA ALA A 118 -10.87 -6.10 31.18
C ALA A 118 -11.66 -7.33 31.57
N THR A 119 -11.56 -7.73 32.84
CA THR A 119 -12.13 -9.00 33.26
C THR A 119 -13.66 -9.05 33.16
N LYS A 120 -14.33 -7.93 33.44
CA LYS A 120 -15.79 -7.86 33.30
C LYS A 120 -16.21 -7.97 31.83
N MET A 121 -15.55 -7.17 30.99
CA MET A 121 -15.82 -7.20 29.56
C MET A 121 -15.60 -8.60 28.97
N LEU A 122 -14.46 -9.20 29.32
CA LEU A 122 -14.13 -10.55 28.90
C LEU A 122 -15.17 -11.53 29.43
N SER A 123 -15.58 -11.37 30.68
CA SER A 123 -16.56 -12.28 31.28
C SER A 123 -17.85 -12.28 30.50
N LYS A 124 -18.34 -11.10 30.14
CA LYS A 124 -19.59 -11.01 29.38
C LYS A 124 -19.44 -11.60 27.97
N PHE A 125 -18.38 -11.17 27.26
CA PHE A 125 -18.01 -11.69 25.94
C PHE A 125 -18.06 -13.22 25.95
N ARG A 126 -17.46 -13.77 26.99
CA ARG A 126 -17.31 -15.20 27.16
C ARG A 126 -18.66 -15.87 27.44
N LYS A 127 -19.46 -15.25 28.29
CA LYS A 127 -20.78 -15.77 28.61
C LYS A 127 -21.67 -15.88 27.36
N ILE A 128 -21.62 -14.84 26.52
CA ILE A 128 -22.36 -14.84 25.26
C ILE A 128 -21.85 -15.91 24.32
N ILE A 129 -20.53 -16.01 24.20
CA ILE A 129 -19.95 -17.08 23.39
C ILE A 129 -20.41 -18.48 23.85
N LYS A 130 -20.28 -18.77 25.15
CA LYS A 130 -20.74 -20.03 25.72
C LYS A 130 -22.19 -20.32 25.34
N GLU A 131 -23.03 -19.30 25.52
CA GLU A 131 -24.45 -19.42 25.22
C GLU A 131 -24.70 -19.78 23.77
N GLU A 132 -24.03 -19.08 22.86
CA GLU A 132 -24.19 -19.38 21.44
C GLU A 132 -23.72 -20.80 21.09
N VAL A 133 -22.52 -21.14 21.56
CA VAL A 133 -21.98 -22.49 21.40
C VAL A 133 -22.96 -23.60 21.84
N LYS A 134 -23.75 -23.34 22.88
CA LYS A 134 -24.79 -24.32 23.26
C LYS A 134 -25.82 -24.56 22.15
N GLU A 135 -26.13 -23.52 21.39
CA GLU A 135 -27.17 -23.58 20.36
C GLU A 135 -26.68 -24.17 19.03
N ILE A 136 -25.41 -24.59 19.01
CA ILE A 136 -24.86 -25.25 17.83
C ILE A 136 -24.94 -26.76 17.98
N LYS A 137 -25.73 -27.39 17.12
CA LYS A 137 -25.90 -28.84 17.20
C LYS A 137 -25.33 -29.61 16.00
N ASP A 138 -24.89 -28.88 14.98
CA ASP A 138 -24.20 -29.48 13.84
C ASP A 138 -22.93 -30.20 14.28
N ILE A 139 -21.95 -29.42 14.74
CA ILE A 139 -20.64 -29.96 15.08
C ILE A 139 -20.35 -29.98 16.57
N ASP A 140 -19.40 -30.83 16.93
CA ASP A 140 -18.90 -30.97 18.29
C ASP A 140 -17.97 -29.80 18.59
N VAL A 141 -18.49 -28.74 19.20
CA VAL A 141 -17.67 -27.62 19.59
C VAL A 141 -17.96 -27.21 21.05
N SER A 142 -16.90 -27.15 21.86
CA SER A 142 -17.05 -26.77 23.27
C SER A 142 -16.14 -25.60 23.64
N VAL A 143 -16.46 -24.89 24.71
CA VAL A 143 -15.60 -23.81 25.18
C VAL A 143 -14.57 -24.33 26.18
N GLU A 144 -13.32 -23.99 25.95
CA GLU A 144 -12.24 -24.44 26.82
C GLU A 144 -12.25 -23.66 28.13
N LYS A 145 -11.95 -24.37 29.22
CA LYS A 145 -11.71 -23.78 30.53
C LYS A 145 -10.78 -22.56 30.41
N GLU A 146 -11.10 -21.48 31.11
CA GLU A 146 -10.34 -20.23 30.99
C GLU A 146 -8.90 -20.43 31.45
N LYS A 147 -7.96 -19.87 30.68
CA LYS A 147 -6.56 -19.94 31.02
C LYS A 147 -6.14 -18.61 31.62
N PRO A 148 -5.34 -18.66 32.70
CA PRO A 148 -4.80 -17.42 33.28
C PRO A 148 -3.93 -16.72 32.25
N GLY A 149 -4.06 -15.40 32.16
CA GLY A 149 -3.23 -14.61 31.27
C GLY A 149 -3.66 -14.64 29.81
N SER A 150 -4.82 -15.21 29.55
CA SER A 150 -5.28 -15.30 28.16
C SER A 150 -6.39 -14.32 27.80
N PRO A 151 -6.21 -13.58 26.71
CA PRO A 151 -7.20 -12.60 26.25
C PRO A 151 -8.24 -13.27 25.33
N ALA A 152 -8.20 -14.60 25.25
CA ALA A 152 -9.00 -15.36 24.29
C ALA A 152 -10.11 -16.15 24.95
N VAL A 153 -11.21 -16.32 24.25
CA VAL A 153 -12.17 -17.38 24.55
C VAL A 153 -11.86 -18.49 23.55
N THR A 154 -11.40 -19.64 24.03
CA THR A 154 -10.91 -20.69 23.15
C THR A 154 -11.97 -21.78 22.93
N LEU A 155 -12.18 -22.10 21.66
CA LEU A 155 -13.12 -23.17 21.27
C LEU A 155 -12.34 -24.41 20.92
N LEU A 156 -12.93 -25.56 21.20
CA LEU A 156 -12.34 -26.85 20.90
C LEU A 156 -13.36 -27.56 20.03
N ILE A 157 -13.03 -27.69 18.75
CA ILE A 157 -13.90 -28.32 17.78
C ILE A 157 -13.39 -29.73 17.52
N ARG A 158 -14.30 -30.71 17.60
CA ARG A 158 -13.98 -32.07 17.18
C ARG A 158 -14.52 -32.22 15.78
N ASN A 159 -13.67 -31.94 14.81
CA ASN A 159 -14.01 -31.98 13.40
C ASN A 159 -13.46 -33.30 12.91
N PRO A 160 -14.02 -34.39 13.42
CA PRO A 160 -13.20 -35.43 14.01
C PRO A 160 -11.93 -34.85 14.68
N GLU A 161 -10.88 -34.56 13.92
CA GLU A 161 -9.64 -33.98 14.44
C GLU A 161 -9.87 -32.78 15.35
N GLU A 162 -9.06 -32.65 16.38
CA GLU A 162 -9.21 -31.56 17.35
C GLU A 162 -8.66 -30.25 16.78
N ILE A 163 -9.45 -29.19 16.89
CA ILE A 163 -9.08 -27.87 16.38
C ILE A 163 -9.33 -26.82 17.43
N SER A 164 -8.34 -25.94 17.64
CA SER A 164 -8.49 -24.83 18.56
C SER A 164 -8.83 -23.52 17.83
N VAL A 165 -9.85 -22.82 18.30
CA VAL A 165 -10.11 -21.49 17.77
C VAL A 165 -10.06 -20.44 18.89
N ASP A 166 -9.03 -19.60 18.89
CA ASP A 166 -8.97 -18.49 19.85
C ASP A 166 -9.75 -17.28 19.34
N ILE A 167 -10.89 -16.98 20.00
CA ILE A 167 -11.62 -15.74 19.77
C ILE A 167 -11.09 -14.67 20.73
N ILE A 168 -10.33 -13.72 20.19
CA ILE A 168 -9.64 -12.73 21.00
C ILE A 168 -10.40 -11.42 21.01
N LEU A 169 -10.79 -10.98 22.19
CA LEU A 169 -11.50 -9.71 22.33
C LEU A 169 -10.49 -8.59 22.23
N ALA A 170 -10.79 -7.59 21.40
CA ALA A 170 -9.86 -6.47 21.25
C ALA A 170 -10.54 -5.11 21.23
N LEU A 171 -9.92 -4.14 21.88
CA LEU A 171 -10.27 -2.74 21.70
C LEU A 171 -9.47 -2.20 20.53
N GLU A 172 -10.14 -1.52 19.61
CA GLU A 172 -9.51 -0.84 18.48
C GLU A 172 -9.50 0.67 18.69
N SER A 173 -8.32 1.28 18.65
CA SER A 173 -8.24 2.73 18.67
C SER A 173 -7.58 3.24 17.38
N LYS A 174 -8.19 4.25 16.77
CA LYS A 174 -7.74 4.76 15.48
C LYS A 174 -6.73 5.91 15.61
N GLY A 175 -6.56 6.39 16.84
CA GLY A 175 -5.55 7.40 17.12
C GLY A 175 -4.14 6.91 16.85
N SER A 176 -3.19 7.83 16.93
CA SER A 176 -1.77 7.49 16.72
C SER A 176 -1.29 6.57 17.84
N TRP A 177 -0.28 5.77 17.55
CA TRP A 177 0.18 4.74 18.49
C TRP A 177 0.77 5.36 19.74
N PRO A 178 0.72 4.64 20.87
CA PRO A 178 1.27 5.18 22.12
C PRO A 178 2.77 5.40 22.01
N ILE A 179 3.31 6.29 22.84
CA ILE A 179 4.69 6.74 22.69
C ILE A 179 5.69 5.62 22.94
N SER A 180 5.27 4.60 23.66
CA SER A 180 6.16 3.51 23.99
C SER A 180 6.63 2.79 22.72
N THR A 181 5.87 2.94 21.64
CA THR A 181 6.16 2.28 20.37
C THR A 181 6.89 3.18 19.38
N LYS A 182 7.22 4.41 19.78
CA LYS A 182 7.86 5.37 18.88
C LYS A 182 9.12 4.82 18.20
N GLU A 183 10.02 4.25 18.98
CA GLU A 183 11.23 3.67 18.41
C GLU A 183 11.08 2.18 18.12
N GLY A 184 9.83 1.71 18.08
CA GLY A 184 9.55 0.33 17.70
C GLY A 184 9.43 0.20 16.19
N LEU A 185 9.14 -1.01 15.72
CA LEU A 185 8.92 -1.28 14.30
C LEU A 185 10.08 -0.75 13.41
N PRO A 186 11.32 -1.14 13.74
CA PRO A 186 12.50 -0.55 13.11
C PRO A 186 12.75 -1.11 11.69
N ILE A 187 11.78 -0.93 10.79
CA ILE A 187 11.77 -1.52 9.46
C ILE A 187 12.31 -0.61 8.34
N GLN A 188 12.82 0.57 8.69
CA GLN A 188 13.27 1.60 7.73
C GLN A 188 14.30 1.17 6.67
N GLY A 189 15.31 0.41 7.09
CA GLY A 189 16.31 -0.05 6.15
C GLY A 189 15.95 -1.35 5.48
N TRP A 190 14.75 -1.85 5.78
CA TRP A 190 14.29 -3.15 5.30
C TRP A 190 13.03 -2.97 4.41
N LEU A 191 11.89 -2.62 5.02
CA LEU A 191 10.64 -2.38 4.29
C LEU A 191 10.45 -0.90 3.95
N GLY A 192 11.12 -0.03 4.72
CA GLY A 192 11.17 1.38 4.40
C GLY A 192 10.27 2.33 5.18
N THR A 193 10.53 3.62 4.98
CA THR A 193 9.81 4.71 5.64
C THR A 193 8.35 4.85 5.19
N LYS A 194 8.09 4.68 3.89
CA LYS A 194 6.71 4.83 3.42
C LYS A 194 5.85 3.72 4.01
N VAL A 195 6.35 2.49 3.92
CA VAL A 195 5.68 1.35 4.51
C VAL A 195 5.42 1.54 5.99
N ARG A 196 6.45 1.93 6.74
CA ARG A 196 6.34 2.13 8.19
C ARG A 196 5.34 3.23 8.58
N THR A 197 5.40 4.36 7.88
CA THR A 197 4.41 5.42 8.05
C THR A 197 2.98 4.91 7.79
N ASN A 198 2.81 4.15 6.71
CA ASN A 198 1.48 3.59 6.43
C ASN A 198 0.97 2.64 7.53
N LEU A 199 1.84 1.77 8.02
CA LEU A 199 1.45 0.82 9.06
C LEU A 199 1.08 1.55 10.35
N ARG A 200 1.82 2.61 10.65
CA ARG A 200 1.59 3.37 11.86
C ARG A 200 0.38 4.28 11.71
N ARG A 201 -0.11 4.42 10.48
CA ARG A 201 -1.40 5.08 10.29
C ARG A 201 -2.58 4.14 10.57
N GLU A 202 -2.29 2.85 10.73
CA GLU A 202 -3.34 1.87 10.99
C GLU A 202 -3.78 1.99 12.44
N PRO A 203 -4.92 1.41 12.80
CA PRO A 203 -5.29 1.42 14.23
C PRO A 203 -4.32 0.60 15.08
N PHE A 204 -4.39 0.75 16.40
CA PHE A 204 -3.65 -0.15 17.27
C PHE A 204 -4.61 -0.95 18.16
N TYR A 205 -4.21 -2.10 18.67
CA TYR A 205 -5.17 -2.84 19.48
C TYR A 205 -4.82 -3.01 20.96
N LEU A 206 -5.84 -3.34 21.76
CA LEU A 206 -5.66 -3.59 23.18
C LEU A 206 -6.45 -4.85 23.52
N VAL A 207 -5.83 -5.76 24.25
CA VAL A 207 -6.52 -6.99 24.61
C VAL A 207 -6.33 -7.17 26.10
N PRO A 208 -7.26 -7.87 26.76
CA PRO A 208 -7.14 -8.09 28.21
C PRO A 208 -5.82 -8.77 28.65
N LYS A 209 -5.15 -8.23 29.65
CA LYS A 209 -3.97 -8.91 30.21
C LYS A 209 -4.40 -10.18 30.92
N ASN A 210 -5.46 -10.07 31.71
CA ASN A 210 -6.09 -11.21 32.36
C ASN A 210 -5.15 -12.10 33.20
N ALA A 211 -4.12 -11.50 33.78
CA ALA A 211 -3.28 -12.23 34.71
C ALA A 211 -4.09 -12.51 35.95
N LYS A 212 -3.69 -13.53 36.70
CA LYS A 212 -4.36 -13.87 37.94
C LYS A 212 -3.35 -13.85 39.07
N ASP A 213 -2.31 -13.04 38.87
CA ASP A 213 -1.18 -12.94 39.80
C ASP A 213 -1.57 -12.41 41.18
N GLY A 214 -2.42 -11.39 41.23
CA GLY A 214 -2.88 -10.82 42.48
C GLY A 214 -2.52 -9.35 42.64
N ASN A 215 -1.69 -8.84 41.74
CA ASN A 215 -1.24 -7.46 41.81
C ASN A 215 -2.33 -6.43 41.56
N SER A 216 -2.02 -5.17 41.86
CA SER A 216 -2.99 -4.09 41.74
C SER A 216 -3.40 -3.90 40.29
N PHE A 217 -4.65 -3.47 40.08
CA PHE A 217 -5.22 -3.23 38.76
C PHE A 217 -5.25 -4.48 37.88
N GLN A 218 -5.17 -5.65 38.51
CA GLN A 218 -5.08 -6.92 37.79
C GLN A 218 -6.15 -7.10 36.71
N GLY A 219 -7.39 -6.71 37.03
CA GLY A 219 -8.51 -6.94 36.15
C GLY A 219 -8.84 -5.76 35.27
N GLU A 220 -8.06 -4.69 35.36
CA GLU A 220 -8.31 -3.49 34.56
C GLU A 220 -7.14 -3.17 33.62
N THR A 221 -6.28 -4.15 33.41
CA THR A 221 -5.04 -3.97 32.67
C THR A 221 -5.18 -4.55 31.28
N TRP A 222 -4.89 -3.74 30.26
CA TRP A 222 -4.90 -4.22 28.89
C TRP A 222 -3.46 -4.25 28.36
N ARG A 223 -3.23 -5.03 27.31
CA ARG A 223 -1.93 -5.08 26.63
C ARG A 223 -2.07 -4.72 25.15
N LEU A 224 -1.08 -3.99 24.63
CA LEU A 224 -1.06 -3.66 23.22
C LEU A 224 -1.00 -4.91 22.33
N SER A 225 -1.63 -4.81 21.17
CA SER A 225 -1.50 -5.85 20.15
C SER A 225 -1.43 -5.31 18.71
N PHE A 226 -0.48 -5.88 17.96
CA PHE A 226 -0.21 -5.50 16.57
C PHE A 226 -0.22 -6.72 15.67
N SER A 227 -1.21 -7.60 15.86
CA SER A 227 -1.27 -8.84 15.10
C SER A 227 -1.59 -8.55 13.67
N HIS A 228 -2.25 -7.41 13.45
CA HIS A 228 -2.61 -6.97 12.10
C HIS A 228 -1.35 -6.59 11.35
N THR A 229 -0.55 -5.73 12.00
CA THR A 229 0.72 -5.31 11.43
C THR A 229 1.65 -6.50 11.17
N GLU A 230 1.74 -7.41 12.12
CA GLU A 230 2.55 -8.61 11.95
C GLU A 230 2.10 -9.44 10.75
N LYS A 231 0.78 -9.59 10.58
CA LYS A 231 0.24 -10.28 9.42
C LYS A 231 0.73 -9.62 8.13
N TYR A 232 0.65 -8.29 8.11
CA TYR A 232 1.13 -7.53 6.95
C TYR A 232 2.62 -7.82 6.68
N ILE A 233 3.44 -7.73 7.71
CA ILE A 233 4.87 -7.89 7.52
C ILE A 233 5.16 -9.28 6.97
N LEU A 234 4.54 -10.30 7.58
CA LEU A 234 4.74 -11.67 7.12
C LEU A 234 4.37 -11.82 5.66
N ASN A 235 3.29 -11.17 5.25
CA ASN A 235 2.89 -11.27 3.84
C ASN A 235 3.59 -10.31 2.87
N ASN A 236 4.42 -9.40 3.39
CA ASN A 236 5.15 -8.40 2.59
C ASN A 236 6.54 -8.23 3.17
N HIS A 237 7.40 -9.23 3.00
CA HIS A 237 8.52 -9.41 3.89
C HIS A 237 9.87 -9.15 3.21
N GLY A 238 9.83 -8.84 1.92
CA GLY A 238 11.09 -8.64 1.20
C GLY A 238 11.50 -7.20 1.14
N ILE A 239 12.79 -6.95 0.98
CA ILE A 239 13.22 -5.62 0.59
C ILE A 239 12.73 -5.32 -0.84
N GLU A 240 12.61 -6.36 -1.68
CA GLU A 240 12.09 -6.20 -3.03
C GLU A 240 10.62 -6.53 -3.07
N LYS A 241 9.87 -5.73 -3.81
CA LYS A 241 8.41 -5.84 -3.83
C LYS A 241 7.98 -7.19 -4.42
N THR A 242 8.87 -7.82 -5.17
CA THR A 242 8.56 -9.07 -5.85
C THR A 242 9.01 -10.32 -5.09
N CYS A 243 9.58 -10.16 -3.90
CA CYS A 243 10.01 -11.31 -3.09
C CYS A 243 8.87 -12.31 -2.95
N CYS A 244 9.18 -13.58 -3.21
CA CYS A 244 8.20 -14.67 -3.17
C CYS A 244 6.98 -14.51 -4.09
N GLU A 245 7.01 -13.58 -5.04
CA GLU A 245 5.92 -13.42 -6.02
C GLU A 245 6.21 -14.25 -7.26
N SER A 246 5.25 -14.34 -8.18
CA SER A 246 5.39 -15.20 -9.36
C SER A 246 6.40 -14.68 -10.44
N SER A 247 6.69 -13.38 -10.44
CA SER A 247 7.77 -12.84 -11.29
C SER A 247 8.91 -12.36 -10.41
N GLY A 248 9.08 -12.99 -9.25
CA GLY A 248 10.13 -12.61 -8.32
C GLY A 248 10.88 -13.83 -7.83
N ALA A 249 11.80 -13.63 -6.90
CA ALA A 249 12.58 -14.74 -6.41
C ALA A 249 12.07 -15.16 -5.05
N LYS A 250 11.89 -16.46 -4.89
CA LYS A 250 11.56 -17.04 -3.63
C LYS A 250 12.69 -16.76 -2.63
N CYS A 251 12.34 -16.51 -1.37
CA CYS A 251 13.34 -16.46 -0.32
C CYS A 251 12.96 -17.54 0.69
N CYS A 252 13.73 -17.65 1.78
CA CYS A 252 13.49 -18.70 2.76
C CYS A 252 13.17 -18.14 4.14
N ARG A 253 12.56 -16.94 4.18
CA ARG A 253 12.29 -16.30 5.47
C ARG A 253 11.25 -17.07 6.27
N LYS A 254 10.08 -17.21 5.68
CA LYS A 254 8.99 -18.02 6.27
C LYS A 254 9.40 -19.46 6.61
N GLU A 255 10.23 -20.08 5.78
CA GLU A 255 10.70 -21.45 6.03
C GLU A 255 11.53 -21.51 7.31
N CYS A 256 12.35 -20.47 7.52
CA CYS A 256 13.10 -20.36 8.75
C CYS A 256 12.17 -20.21 9.93
N LEU A 257 11.12 -19.43 9.76
CA LEU A 257 10.18 -19.27 10.87
C LEU A 257 9.52 -20.62 11.17
N LYS A 258 9.22 -21.37 10.12
CA LYS A 258 8.59 -22.67 10.30
C LYS A 258 9.51 -23.62 11.09
N LEU A 259 10.76 -23.78 10.62
CA LEU A 259 11.73 -24.61 11.34
C LEU A 259 11.93 -24.21 12.81
N MET A 260 11.99 -22.91 13.09
CA MET A 260 12.21 -22.51 14.47
C MET A 260 10.99 -22.79 15.36
N LYS A 261 9.80 -22.53 14.81
CA LYS A 261 8.55 -22.84 15.47
C LYS A 261 8.45 -24.32 15.78
N TYR A 262 8.88 -25.15 14.83
CA TYR A 262 8.83 -26.60 14.98
C TYR A 262 9.81 -27.09 16.03
N LEU A 263 11.02 -26.56 16.02
CA LEU A 263 12.01 -26.92 17.05
C LEU A 263 11.41 -26.66 18.42
N LEU A 264 10.86 -25.45 18.59
CA LEU A 264 10.29 -25.09 19.87
C LEU A 264 9.08 -25.97 20.25
N GLU A 265 8.16 -26.19 19.31
CA GLU A 265 7.01 -27.08 19.58
C GLU A 265 7.43 -28.48 20.05
N GLN A 266 8.34 -29.11 19.31
CA GLN A 266 8.84 -30.43 19.68
C GLN A 266 9.40 -30.43 21.10
N LEU A 267 10.29 -29.46 21.36
CA LEU A 267 10.91 -29.39 22.68
C LEU A 267 9.88 -29.17 23.78
N LYS A 268 8.89 -28.32 23.51
CA LYS A 268 7.90 -27.95 24.52
C LYS A 268 7.02 -29.12 24.83
N LYS A 269 6.79 -29.96 23.82
CA LYS A 269 5.96 -31.13 24.07
C LYS A 269 6.75 -32.18 24.87
N GLU A 270 8.07 -32.24 24.67
CA GLU A 270 8.88 -33.15 25.48
C GLU A 270 9.17 -32.67 26.90
N PHE A 271 9.31 -31.36 27.09
CA PHE A 271 9.83 -30.84 28.35
C PHE A 271 8.97 -29.76 28.99
N GLN A 272 8.37 -30.08 30.12
CA GLN A 272 7.54 -29.14 30.85
C GLN A 272 8.34 -27.92 31.30
N GLU A 273 9.65 -28.12 31.50
CA GLU A 273 10.59 -27.04 31.85
C GLU A 273 10.49 -25.79 30.95
N LEU A 274 9.85 -25.91 29.79
CA LEU A 274 9.80 -24.83 28.80
C LEU A 274 8.41 -24.21 28.68
N ASP A 275 7.64 -24.22 29.75
CA ASP A 275 6.30 -23.65 29.73
C ASP A 275 6.35 -22.14 29.56
N ALA A 276 7.41 -21.51 30.06
CA ALA A 276 7.51 -20.06 29.98
C ALA A 276 7.63 -19.58 28.53
N PHE A 277 8.20 -20.44 27.68
CA PHE A 277 8.45 -20.09 26.28
C PHE A 277 7.27 -20.34 25.37
N CYS A 278 7.19 -19.54 24.31
CA CYS A 278 6.11 -19.67 23.36
C CYS A 278 6.59 -19.24 21.99
N SER A 279 5.74 -19.41 20.98
CA SER A 279 6.12 -19.15 19.61
C SER A 279 6.29 -17.65 19.34
N TYR A 280 5.65 -16.81 20.15
CA TYR A 280 5.79 -15.36 19.97
C TYR A 280 7.25 -14.94 20.17
N HIS A 281 7.97 -15.65 21.03
CA HIS A 281 9.40 -15.44 21.23
C HIS A 281 10.21 -15.63 19.93
N VAL A 282 9.91 -16.70 19.18
CA VAL A 282 10.63 -16.95 17.94
C VAL A 282 10.16 -16.00 16.84
N LYS A 283 8.88 -15.62 16.88
CA LYS A 283 8.39 -14.62 15.93
C LYS A 283 9.13 -13.29 16.09
N THR A 284 9.29 -12.86 17.35
CA THR A 284 9.97 -11.61 17.66
C THR A 284 11.44 -11.71 17.25
N ALA A 285 12.09 -12.84 17.60
CA ALA A 285 13.50 -13.00 17.26
C ALA A 285 13.71 -12.93 15.74
N ILE A 286 12.84 -13.59 15.00
CA ILE A 286 13.05 -13.57 13.57
C ILE A 286 12.74 -12.19 12.97
N PHE A 287 11.78 -11.43 13.53
CA PHE A 287 11.58 -10.05 13.05
C PHE A 287 12.87 -9.23 13.24
N HIS A 288 13.49 -9.37 14.42
CA HIS A 288 14.80 -8.72 14.62
C HIS A 288 15.85 -9.19 13.61
N MET A 289 15.84 -10.48 13.27
CA MET A 289 16.82 -10.99 12.30
C MET A 289 16.59 -10.39 10.93
N TRP A 290 15.32 -10.29 10.55
CA TRP A 290 14.94 -9.73 9.26
C TRP A 290 15.36 -8.26 9.18
N THR A 291 15.35 -7.56 10.31
CA THR A 291 15.84 -6.18 10.36
C THR A 291 17.36 -6.16 10.23
N GLN A 292 18.02 -7.06 10.97
CA GLN A 292 19.48 -7.15 10.94
C GLN A 292 20.01 -7.51 9.54
N ASP A 293 19.37 -8.49 8.90
CA ASP A 293 19.77 -8.98 7.59
C ASP A 293 18.67 -8.73 6.59
N PRO A 294 18.59 -7.50 6.08
CA PRO A 294 17.41 -7.08 5.30
C PRO A 294 17.38 -7.51 3.83
N GLN A 295 18.54 -7.65 3.18
CA GLN A 295 18.60 -8.01 1.76
C GLN A 295 17.95 -9.37 1.51
N ASP A 296 17.22 -9.51 0.41
CA ASP A 296 16.57 -10.80 0.12
C ASP A 296 17.61 -11.90 -0.13
N SER A 297 18.79 -11.50 -0.61
CA SER A 297 19.88 -12.42 -0.88
C SER A 297 20.50 -12.96 0.41
N GLN A 298 20.13 -12.38 1.54
CA GLN A 298 20.54 -12.92 2.84
C GLN A 298 19.56 -13.97 3.31
N TRP A 299 18.57 -14.27 2.48
CA TRP A 299 17.61 -15.33 2.77
C TRP A 299 17.32 -16.13 1.51
N ASP A 300 18.36 -16.39 0.74
CA ASP A 300 18.30 -17.27 -0.43
C ASP A 300 17.95 -18.70 0.01
N PRO A 301 17.02 -19.34 -0.71
CA PRO A 301 16.66 -20.74 -0.40
C PRO A 301 17.90 -21.65 -0.36
N ARG A 302 18.85 -21.44 -1.26
CA ARG A 302 20.08 -22.27 -1.30
C ARG A 302 20.83 -22.26 0.02
N ASN A 303 20.58 -21.25 0.85
CA ASN A 303 21.31 -21.06 2.10
C ASN A 303 20.45 -21.36 3.33
N LEU A 304 19.39 -22.16 3.12
CA LEU A 304 18.46 -22.53 4.20
C LEU A 304 19.13 -22.96 5.52
N SER A 305 20.21 -23.73 5.43
CA SER A 305 20.87 -24.21 6.65
C SER A 305 21.56 -23.05 7.36
N SER A 306 22.34 -22.30 6.58
CA SER A 306 23.04 -21.14 7.11
C SER A 306 22.04 -20.21 7.75
N CYS A 307 20.99 -19.87 7.01
CA CYS A 307 20.00 -18.94 7.51
C CYS A 307 19.40 -19.48 8.81
N PHE A 308 19.02 -20.77 8.80
CA PHE A 308 18.38 -21.31 9.99
C PHE A 308 19.40 -21.21 11.12
N ASP A 309 20.64 -21.53 10.82
CA ASP A 309 21.66 -21.55 11.85
C ASP A 309 21.90 -20.16 12.42
N LYS A 310 21.88 -19.13 11.58
CA LYS A 310 22.16 -17.80 12.12
C LYS A 310 21.01 -17.41 13.05
N LEU A 311 19.80 -17.82 12.68
CA LEU A 311 18.65 -17.58 13.52
C LEU A 311 18.89 -18.25 14.86
N LEU A 312 19.31 -19.52 14.83
CA LEU A 312 19.54 -20.24 16.09
C LEU A 312 20.58 -19.46 16.90
N ALA A 313 21.66 -19.04 16.25
CA ALA A 313 22.76 -18.39 16.97
C ALA A 313 22.21 -17.15 17.66
N PHE A 314 21.40 -16.39 16.91
CA PHE A 314 20.88 -15.15 17.45
C PHE A 314 20.03 -15.46 18.66
N PHE A 315 19.16 -16.46 18.51
CA PHE A 315 18.19 -16.78 19.54
C PHE A 315 18.98 -17.17 20.82
N LEU A 316 20.10 -17.86 20.62
CA LEU A 316 20.80 -18.39 21.77
C LEU A 316 21.33 -17.23 22.58
N GLU A 317 21.81 -16.20 21.89
CA GLU A 317 22.36 -15.07 22.60
C GLU A 317 21.28 -14.35 23.37
N CYS A 318 20.07 -14.31 22.81
CA CYS A 318 18.96 -13.67 23.50
C CYS A 318 18.73 -14.39 24.84
N LEU A 319 18.92 -15.70 24.83
CA LEU A 319 18.69 -16.47 26.03
C LEU A 319 19.84 -16.18 26.96
N ARG A 320 21.04 -16.11 26.40
CA ARG A 320 22.24 -16.02 27.22
C ARG A 320 22.50 -14.62 27.78
N THR A 321 21.97 -13.61 27.09
CA THR A 321 22.08 -12.23 27.57
C THR A 321 20.79 -11.79 28.25
N GLU A 322 19.80 -12.69 28.23
CA GLU A 322 18.48 -12.43 28.80
C GLU A 322 17.78 -11.22 28.21
N LYS A 323 17.89 -11.05 26.89
CA LYS A 323 17.25 -9.91 26.25
C LYS A 323 16.58 -10.26 24.93
N LEU A 324 15.27 -10.03 24.88
CA LEU A 324 14.53 -10.12 23.63
C LEU A 324 13.50 -9.00 23.63
N ASP A 325 13.85 -7.88 23.00
CA ASP A 325 12.98 -6.72 22.98
C ASP A 325 11.79 -6.98 22.11
N HIS A 326 10.61 -6.64 22.62
CA HIS A 326 9.41 -6.64 21.81
C HIS A 326 9.67 -5.75 20.61
N TYR A 327 9.32 -6.23 19.43
CA TYR A 327 9.61 -5.56 18.17
C TYR A 327 8.90 -4.22 18.11
N PHE A 328 7.71 -4.15 18.68
CA PHE A 328 6.93 -2.92 18.63
C PHE A 328 7.11 -2.03 19.83
N ILE A 329 7.69 -2.59 20.88
CA ILE A 329 7.79 -1.88 22.15
C ILE A 329 9.17 -2.17 22.72
N PRO A 330 10.18 -1.40 22.27
CA PRO A 330 11.60 -1.55 22.59
C PRO A 330 11.90 -1.86 24.06
N LYS A 331 11.34 -1.08 24.97
CA LYS A 331 11.68 -1.20 26.38
C LYS A 331 10.99 -2.37 27.08
N PHE A 332 10.09 -3.05 26.37
CA PHE A 332 9.46 -4.26 26.90
C PHE A 332 10.30 -5.50 26.60
N ASN A 333 11.06 -5.95 27.60
CA ASN A 333 11.95 -7.11 27.47
C ASN A 333 11.23 -8.47 27.74
N LEU A 334 10.99 -9.22 26.68
CA LEU A 334 10.25 -10.49 26.73
C LEU A 334 10.99 -11.58 27.49
N PHE A 335 12.29 -11.43 27.63
CA PHE A 335 13.11 -12.42 28.33
C PHE A 335 13.58 -11.90 29.67
N SER A 336 12.90 -10.89 30.20
CA SER A 336 13.31 -10.27 31.46
C SER A 336 13.36 -11.30 32.58
N GLN A 337 14.10 -11.00 33.64
CA GLN A 337 14.24 -11.95 34.74
C GLN A 337 12.86 -12.19 35.34
N GLU A 338 12.04 -11.14 35.36
CA GLU A 338 10.72 -11.17 35.98
C GLU A 338 9.67 -11.97 35.22
N LEU A 339 9.99 -12.41 34.00
CA LEU A 339 9.05 -13.17 33.17
C LEU A 339 9.53 -14.60 32.96
N ILE A 340 10.82 -14.74 32.79
CA ILE A 340 11.42 -16.04 32.58
C ILE A 340 12.66 -16.21 33.46
N ASP A 341 12.73 -17.36 34.12
CA ASP A 341 13.79 -17.67 35.06
C ASP A 341 15.10 -18.00 34.33
N ARG A 342 16.23 -17.63 34.94
CA ARG A 342 17.53 -17.87 34.31
C ARG A 342 17.74 -19.37 34.07
N LYS A 343 17.20 -20.20 34.97
CA LYS A 343 17.27 -21.64 34.83
C LYS A 343 16.57 -22.14 33.57
N SER A 344 15.37 -21.63 33.30
CA SER A 344 14.62 -22.05 32.14
C SER A 344 15.36 -21.65 30.88
N LYS A 345 15.91 -20.43 30.89
CA LYS A 345 16.68 -19.93 29.76
C LYS A 345 17.93 -20.79 29.50
N GLU A 346 18.67 -21.11 30.56
CA GLU A 346 19.82 -22.00 30.45
C GLU A 346 19.41 -23.36 29.89
N PHE A 347 18.26 -23.86 30.36
CA PHE A 347 17.76 -25.17 29.95
C PHE A 347 17.45 -25.21 28.45
N LEU A 348 16.68 -24.22 27.98
CA LEU A 348 16.42 -24.08 26.56
C LEU A 348 17.69 -23.90 25.74
N SER A 349 18.61 -23.06 26.22
CA SER A 349 19.89 -22.86 25.56
C SER A 349 20.58 -24.20 25.33
N LYS A 350 20.74 -24.97 26.40
CA LYS A 350 21.35 -26.30 26.31
C LYS A 350 20.59 -27.24 25.36
N LYS A 351 19.26 -27.25 25.43
CA LYS A 351 18.45 -28.06 24.49
C LYS A 351 18.70 -27.73 23.02
N ILE A 352 18.68 -26.44 22.71
CA ILE A 352 18.86 -25.94 21.36
C ILE A 352 20.30 -26.19 20.89
N GLU A 353 21.27 -25.90 21.75
CA GLU A 353 22.67 -26.22 21.45
C GLU A 353 22.85 -27.69 21.08
N TYR A 354 22.30 -28.57 21.90
CA TYR A 354 22.42 -30.01 21.67
C TYR A 354 21.85 -30.38 20.31
N GLU A 355 20.59 -29.98 20.11
CA GLU A 355 19.89 -30.21 18.85
C GLU A 355 20.73 -29.77 17.65
N ARG A 356 21.27 -28.55 17.75
CA ARG A 356 22.03 -27.93 16.68
C ARG A 356 23.29 -28.72 16.37
N ASN A 357 23.95 -29.20 17.42
CA ASN A 357 25.23 -29.88 17.25
C ASN A 357 25.13 -31.38 17.04
N ASN A 358 23.93 -31.92 17.04
CA ASN A 358 23.80 -33.36 16.82
C ASN A 358 22.77 -33.78 15.77
N GLY A 359 22.58 -32.97 14.73
CA GLY A 359 21.73 -33.34 13.61
C GLY A 359 20.24 -32.98 13.70
N PHE A 360 19.85 -32.33 14.79
CA PHE A 360 18.44 -32.14 15.09
C PHE A 360 17.64 -33.46 15.13
N PRO A 361 18.07 -34.42 15.98
CA PRO A 361 17.30 -35.66 16.13
C PRO A 361 15.83 -35.41 16.49
N ILE A 362 15.52 -34.30 17.16
CA ILE A 362 14.15 -34.06 17.58
C ILE A 362 13.25 -33.79 16.38
N PHE A 363 13.86 -33.40 15.26
CA PHE A 363 13.11 -33.19 14.02
C PHE A 363 12.57 -34.53 13.49
N ASP A 364 13.17 -35.63 13.96
CA ASP A 364 12.75 -36.96 13.50
C ASP A 364 11.70 -37.61 14.40
N LYS A 365 11.34 -36.94 15.49
CA LYS A 365 10.43 -37.52 16.48
C LYS A 365 8.97 -37.59 16.03
N LEU A 366 8.22 -38.44 16.74
CA LEU A 366 6.87 -38.87 16.39
C LEU A 366 6.85 -39.71 15.11
N LYS B 8 29.07 16.99 -15.58
CA LYS B 8 28.58 17.19 -16.94
C LYS B 8 27.06 17.27 -16.92
N LEU B 9 26.42 16.11 -16.87
CA LEU B 9 24.98 16.05 -16.68
C LEU B 9 24.58 16.47 -15.25
N LYS B 10 25.47 16.27 -14.28
CA LYS B 10 25.24 16.79 -12.92
C LYS B 10 24.98 18.30 -12.98
N LYS B 11 25.81 19.01 -13.73
CA LYS B 11 25.67 20.46 -13.91
C LYS B 11 24.32 20.86 -14.54
N VAL B 12 23.94 20.16 -15.61
CA VAL B 12 22.62 20.35 -16.20
C VAL B 12 21.47 20.12 -15.19
N LEU B 13 21.59 19.08 -14.38
CA LEU B 13 20.55 18.81 -13.37
C LEU B 13 20.51 19.94 -12.33
N ASP B 14 21.68 20.48 -11.97
CA ASP B 14 21.72 21.65 -11.10
C ASP B 14 20.97 22.82 -11.74
N LYS B 15 21.14 22.98 -13.05
CA LYS B 15 20.45 24.04 -13.77
C LYS B 15 18.93 23.87 -13.71
N LEU B 16 18.47 22.66 -14.04
CA LEU B 16 17.04 22.35 -14.11
C LEU B 16 16.33 22.29 -12.76
N ARG B 17 17.12 22.23 -11.69
CA ARG B 17 16.55 22.07 -10.36
C ARG B 17 15.78 23.32 -9.91
N LEU B 18 14.53 23.12 -9.53
CA LEU B 18 13.65 24.19 -9.08
C LEU B 18 14.15 24.79 -7.79
N LYS B 19 13.79 26.05 -7.56
CA LYS B 19 14.27 26.77 -6.40
C LYS B 19 13.17 26.91 -5.35
N ARG B 20 13.56 26.64 -4.09
CA ARG B 20 12.61 26.58 -2.98
C ARG B 20 11.69 27.80 -2.90
N LYS B 21 12.28 28.99 -2.97
CA LYS B 21 11.54 30.26 -3.00
C LYS B 21 10.52 30.30 -4.14
N ASP B 22 10.94 29.89 -5.33
CA ASP B 22 10.07 29.90 -6.51
C ASP B 22 8.87 28.96 -6.37
N ILE B 23 9.13 27.76 -5.86
CA ILE B 23 8.08 26.81 -5.55
C ILE B 23 7.08 27.44 -4.55
N SER B 24 7.60 27.98 -3.47
CA SER B 24 6.76 28.63 -2.45
C SER B 24 5.81 29.68 -3.05
N GLU B 25 6.41 30.63 -3.75
CA GLU B 25 5.68 31.73 -4.38
C GLU B 25 4.65 31.29 -5.41
N ALA B 26 5.02 30.33 -6.27
CA ALA B 26 4.10 29.84 -7.30
C ALA B 26 2.94 29.09 -6.67
N ALA B 27 3.26 28.15 -5.78
CA ALA B 27 2.27 27.32 -5.11
C ALA B 27 1.23 28.10 -4.30
N GLU B 28 1.64 29.09 -3.49
CA GLU B 28 0.59 29.80 -2.73
C GLU B 28 -0.50 30.40 -3.65
N THR B 29 -0.06 30.93 -4.79
CA THR B 29 -0.96 31.56 -5.77
C THR B 29 -1.85 30.55 -6.51
N VAL B 30 -1.22 29.50 -7.03
CA VAL B 30 -1.99 28.45 -7.71
C VAL B 30 -3.01 27.86 -6.75
N ASN B 31 -2.61 27.66 -5.50
CA ASN B 31 -3.51 27.05 -4.53
C ASN B 31 -4.67 27.94 -4.16
N LYS B 32 -4.42 29.25 -4.05
CA LYS B 32 -5.51 30.22 -3.94
C LYS B 32 -6.54 30.08 -5.08
N VAL B 33 -6.04 30.10 -6.31
CA VAL B 33 -6.93 30.05 -7.47
C VAL B 33 -7.72 28.74 -7.60
N VAL B 34 -7.00 27.63 -7.52
CA VAL B 34 -7.59 26.30 -7.60
C VAL B 34 -8.57 26.06 -6.46
N GLU B 35 -8.20 26.48 -5.26
CA GLU B 35 -9.12 26.39 -4.13
C GLU B 35 -10.41 27.11 -4.44
N ARG B 36 -10.29 28.35 -4.93
CA ARG B 36 -11.46 29.16 -5.25
C ARG B 36 -12.34 28.50 -6.31
N LEU B 37 -11.71 27.99 -7.36
CA LEU B 37 -12.44 27.31 -8.42
C LEU B 37 -13.18 26.10 -7.87
N LEU B 38 -12.48 25.30 -7.10
CA LEU B 38 -13.03 24.05 -6.58
C LEU B 38 -14.20 24.31 -5.65
N ARG B 39 -14.06 25.30 -4.77
CA ARG B 39 -15.18 25.72 -3.94
C ARG B 39 -16.34 26.13 -4.82
N ARG B 40 -16.08 26.96 -5.85
CA ARG B 40 -17.13 27.33 -6.80
C ARG B 40 -17.88 26.12 -7.38
N MET B 41 -17.18 25.02 -7.63
CA MET B 41 -17.82 23.85 -8.24
C MET B 41 -18.91 23.17 -7.39
N GLN B 42 -18.80 23.23 -6.06
CA GLN B 42 -19.82 22.59 -5.21
C GLN B 42 -20.65 23.57 -4.40
N LYS B 43 -19.99 24.60 -3.87
CA LYS B 43 -20.67 25.65 -3.12
C LYS B 43 -21.74 26.31 -3.98
N ARG B 44 -21.45 26.42 -5.27
CA ARG B 44 -22.48 26.74 -6.25
C ARG B 44 -23.21 25.44 -6.60
N GLU B 45 -24.53 25.45 -6.43
CA GLU B 45 -25.43 24.34 -6.77
C GLU B 45 -25.27 23.76 -8.19
N SER B 46 -24.05 23.64 -8.67
CA SER B 46 -23.79 23.27 -10.06
C SER B 46 -23.94 21.77 -10.30
N GLU B 47 -23.86 21.40 -11.57
CA GLU B 47 -23.96 20.00 -11.96
C GLU B 47 -22.64 19.28 -11.74
N PHE B 48 -21.65 20.01 -11.23
CA PHE B 48 -20.35 19.43 -10.91
C PHE B 48 -20.13 19.36 -9.40
N LYS B 49 -21.19 19.51 -8.63
CA LYS B 49 -21.10 19.38 -7.19
C LYS B 49 -20.67 17.96 -6.88
N GLY B 50 -19.72 17.81 -5.95
CA GLY B 50 -19.22 16.49 -5.59
C GLY B 50 -17.88 16.21 -6.24
N VAL B 51 -17.42 17.18 -7.01
CA VAL B 51 -16.14 17.13 -7.68
C VAL B 51 -15.01 17.22 -6.63
N GLU B 52 -13.90 16.51 -6.87
CA GLU B 52 -12.80 16.48 -5.89
C GLU B 52 -11.46 16.70 -6.58
N GLN B 53 -10.53 17.30 -5.83
CA GLN B 53 -9.23 17.68 -6.36
C GLN B 53 -8.22 16.54 -6.34
N LEU B 54 -7.55 16.33 -7.47
CA LEU B 54 -6.43 15.39 -7.55
C LEU B 54 -5.33 16.01 -8.39
N ASN B 55 -4.22 16.38 -7.77
CA ASN B 55 -3.14 16.99 -8.49
C ASN B 55 -2.34 15.95 -9.27
N THR B 56 -2.01 16.26 -10.52
CA THR B 56 -1.26 15.30 -11.33
C THR B 56 -0.11 15.97 -12.07
N GLY B 57 0.71 15.15 -12.73
CA GLY B 57 1.74 15.69 -13.60
C GLY B 57 3.09 15.95 -12.95
N SER B 58 4.00 16.50 -13.75
CA SER B 58 5.41 16.61 -13.39
C SER B 58 5.69 17.22 -12.04
N TYR B 59 5.11 18.39 -11.79
CA TYR B 59 5.32 19.11 -10.53
C TYR B 59 4.99 18.23 -9.33
N TYR B 60 3.88 17.52 -9.39
CA TYR B 60 3.47 16.73 -8.24
C TYR B 60 4.11 15.36 -8.30
N GLU B 61 4.80 15.07 -9.40
CA GLU B 61 5.61 13.84 -9.49
C GLU B 61 7.05 14.13 -9.13
N HIS B 62 7.36 15.40 -8.85
CA HIS B 62 8.74 15.89 -8.61
C HIS B 62 9.66 15.69 -9.79
N VAL B 63 9.12 15.79 -11.01
CA VAL B 63 9.97 15.79 -12.20
C VAL B 63 9.82 17.05 -13.06
N LYS B 64 9.24 18.10 -12.48
CA LYS B 64 9.21 19.41 -13.13
C LYS B 64 10.62 20.00 -13.15
N ILE B 65 11.01 20.54 -14.30
CA ILE B 65 12.33 21.14 -14.48
C ILE B 65 12.27 22.65 -14.76
N SER B 66 13.38 23.35 -14.45
CA SER B 66 13.62 24.75 -14.81
C SER B 66 12.93 25.79 -13.92
N ALA B 67 11.61 25.72 -13.85
CA ALA B 67 10.81 26.65 -13.11
C ALA B 67 9.51 25.95 -12.75
N PRO B 68 8.89 26.36 -11.62
CA PRO B 68 7.57 25.83 -11.26
C PRO B 68 6.46 26.60 -11.96
N ASN B 69 6.31 26.40 -13.27
CA ASN B 69 5.40 27.24 -14.06
C ASN B 69 4.28 26.49 -14.76
N GLU B 70 4.08 25.23 -14.41
CA GLU B 70 3.00 24.41 -14.95
C GLU B 70 2.44 23.52 -13.86
N PHE B 71 1.14 23.59 -13.64
CA PHE B 71 0.48 22.76 -12.64
C PHE B 71 -0.71 22.07 -13.26
N ASP B 72 -0.89 20.79 -12.95
CA ASP B 72 -1.97 20.03 -13.53
C ASP B 72 -2.88 19.57 -12.41
N VAL B 73 -4.19 19.73 -12.61
CA VAL B 73 -5.16 19.36 -11.60
C VAL B 73 -6.36 18.66 -12.21
N MET B 74 -6.71 17.50 -11.69
CA MET B 74 -7.98 16.88 -12.03
C MET B 74 -9.09 17.29 -11.07
N PHE B 75 -10.21 17.70 -11.65
CA PHE B 75 -11.46 17.77 -10.91
C PHE B 75 -12.23 16.51 -11.29
N LYS B 76 -12.30 15.59 -10.36
CA LYS B 76 -12.83 14.29 -10.67
C LYS B 76 -14.23 14.18 -10.09
N LEU B 77 -15.14 13.61 -10.87
CA LEU B 77 -16.53 13.52 -10.47
C LEU B 77 -17.01 12.08 -10.53
N GLU B 78 -17.43 11.56 -9.39
CA GLU B 78 -17.95 10.21 -9.37
C GLU B 78 -19.28 10.15 -10.11
N VAL B 79 -19.22 9.65 -11.34
CA VAL B 79 -20.41 9.32 -12.10
C VAL B 79 -20.73 7.88 -11.73
N PRO B 80 -22.03 7.56 -11.55
CA PRO B 80 -22.39 6.21 -11.09
C PRO B 80 -22.11 5.13 -12.12
N ARG B 81 -22.88 4.04 -12.05
CA ARG B 81 -22.85 2.99 -13.04
C ARG B 81 -22.96 3.54 -14.47
N ILE B 82 -21.88 3.43 -15.24
CA ILE B 82 -21.90 3.81 -16.63
C ILE B 82 -21.50 2.63 -17.52
N GLU B 83 -21.97 2.67 -18.76
CA GLU B 83 -21.59 1.70 -19.77
C GLU B 83 -20.62 2.37 -20.74
N LEU B 84 -19.53 1.70 -21.08
CA LEU B 84 -18.56 2.24 -22.03
C LEU B 84 -18.61 1.49 -23.35
N GLN B 85 -18.32 2.18 -24.44
CA GLN B 85 -18.24 1.55 -25.75
C GLN B 85 -17.00 2.00 -26.47
N GLU B 86 -16.18 1.05 -26.91
CA GLU B 86 -14.90 1.34 -27.55
C GLU B 86 -15.08 2.06 -28.89
N TYR B 87 -14.58 3.29 -28.94
CA TYR B 87 -14.66 4.11 -30.15
C TYR B 87 -13.77 3.52 -31.24
N TYR B 88 -14.26 2.45 -31.84
CA TYR B 88 -13.52 1.58 -32.77
C TYR B 88 -12.01 1.39 -32.51
N GLU B 89 -11.71 0.32 -31.79
CA GLU B 89 -10.37 -0.28 -31.70
C GLU B 89 -9.14 0.61 -31.46
N THR B 90 -9.35 1.81 -30.93
CA THR B 90 -8.21 2.59 -30.45
C THR B 90 -7.71 2.07 -29.11
N GLY B 91 -8.64 1.66 -28.26
CA GLY B 91 -8.30 1.22 -26.92
C GLY B 91 -8.51 2.29 -25.89
N ALA B 92 -8.20 3.53 -26.25
CA ALA B 92 -8.18 4.68 -25.32
C ALA B 92 -9.40 5.60 -25.37
N PHE B 93 -10.15 5.53 -26.47
CA PHE B 93 -11.32 6.40 -26.66
C PHE B 93 -12.63 5.61 -26.55
N TYR B 94 -13.65 6.24 -25.94
CA TYR B 94 -14.93 5.59 -25.67
C TYR B 94 -16.11 6.56 -25.74
N LEU B 95 -17.29 6.02 -26.00
CA LEU B 95 -18.53 6.75 -25.78
C LEU B 95 -19.07 6.24 -24.47
N VAL B 96 -19.52 7.16 -23.62
CA VAL B 96 -20.12 6.75 -22.35
C VAL B 96 -21.64 6.91 -22.33
N LYS B 97 -22.32 5.79 -22.10
CA LYS B 97 -23.75 5.79 -21.98
C LYS B 97 -24.12 5.49 -20.53
N PHE B 98 -25.36 5.76 -20.16
CA PHE B 98 -25.84 5.37 -18.85
C PHE B 98 -26.60 4.06 -18.96
N LYS B 99 -26.21 3.09 -18.13
CA LYS B 99 -26.92 1.82 -18.02
C LYS B 99 -28.40 2.13 -17.91
N ARG B 100 -28.77 2.66 -16.76
CA ARG B 100 -30.10 3.24 -16.58
C ARG B 100 -29.92 4.68 -16.15
N ILE B 101 -30.55 5.60 -16.90
CA ILE B 101 -30.55 7.02 -16.55
C ILE B 101 -31.42 7.20 -15.31
N PRO B 102 -30.79 7.52 -14.16
CA PRO B 102 -31.58 7.68 -12.93
C PRO B 102 -32.51 8.90 -12.99
N ARG B 103 -32.29 9.76 -14.00
CA ARG B 103 -33.16 10.92 -14.29
C ARG B 103 -33.20 12.00 -13.22
N GLY B 104 -33.40 13.25 -13.66
CA GLY B 104 -33.41 14.40 -12.78
C GLY B 104 -32.03 14.74 -12.26
N ASN B 105 -31.04 13.92 -12.64
CA ASN B 105 -29.66 14.08 -12.20
C ASN B 105 -29.02 15.35 -12.75
N PRO B 106 -27.91 15.81 -12.14
CA PRO B 106 -27.26 17.05 -12.56
C PRO B 106 -26.95 17.10 -14.06
N LEU B 107 -26.48 15.99 -14.64
CA LEU B 107 -26.05 15.97 -16.04
C LEU B 107 -27.10 15.47 -17.03
N SER B 108 -28.32 15.98 -16.92
CA SER B 108 -29.36 15.70 -17.91
C SER B 108 -28.97 16.34 -19.23
N HIS B 109 -28.73 17.65 -19.17
CA HIS B 109 -28.54 18.46 -20.37
C HIS B 109 -27.20 18.23 -21.09
N PHE B 110 -26.38 17.31 -20.58
CA PHE B 110 -25.15 16.94 -21.26
C PHE B 110 -25.35 15.67 -22.09
N LEU B 111 -26.43 14.96 -21.79
CA LEU B 111 -26.79 13.77 -22.54
C LEU B 111 -27.15 14.13 -23.98
N GLU B 112 -27.29 13.12 -24.84
CA GLU B 112 -27.86 13.30 -26.17
C GLU B 112 -28.90 12.22 -26.43
N GLY B 113 -28.46 11.08 -26.93
CA GLY B 113 -29.30 9.93 -27.08
C GLY B 113 -28.73 8.82 -26.25
N GLU B 114 -28.92 8.92 -24.93
CA GLU B 114 -28.34 8.01 -23.95
C GLU B 114 -26.79 8.07 -23.97
N VAL B 115 -26.25 9.14 -24.50
CA VAL B 115 -24.80 9.32 -24.61
C VAL B 115 -24.36 10.59 -23.87
N LEU B 116 -23.33 10.48 -23.04
CA LEU B 116 -22.81 11.65 -22.33
C LEU B 116 -21.79 12.41 -23.17
N SER B 117 -22.22 13.56 -23.72
CA SER B 117 -21.38 14.40 -24.57
C SER B 117 -20.25 15.09 -23.82
N ALA B 118 -19.02 14.75 -24.19
CA ALA B 118 -17.84 15.38 -23.62
C ALA B 118 -17.77 16.89 -23.93
N THR B 119 -18.08 17.27 -25.17
CA THR B 119 -18.00 18.67 -25.58
C THR B 119 -18.90 19.54 -24.72
N LYS B 120 -20.16 19.15 -24.58
CA LYS B 120 -21.16 19.96 -23.89
C LYS B 120 -20.85 20.12 -22.40
N MET B 121 -20.42 19.02 -21.80
CA MET B 121 -20.11 19.01 -20.39
C MET B 121 -18.85 19.83 -20.13
N LEU B 122 -17.89 19.70 -21.04
CA LEU B 122 -16.64 20.44 -20.93
C LEU B 122 -16.93 21.92 -21.09
N SER B 123 -17.85 22.24 -22.00
CA SER B 123 -18.19 23.64 -22.25
C SER B 123 -18.90 24.29 -21.07
N LYS B 124 -19.72 23.53 -20.34
CA LYS B 124 -20.30 24.10 -19.13
C LYS B 124 -19.27 24.24 -18.00
N PHE B 125 -18.38 23.25 -17.91
CA PHE B 125 -17.27 23.28 -16.96
C PHE B 125 -16.43 24.55 -17.18
N ARG B 126 -16.06 24.75 -18.45
CA ARG B 126 -15.33 25.90 -18.92
C ARG B 126 -16.07 27.21 -18.66
N LYS B 127 -17.37 27.24 -18.96
CA LYS B 127 -18.17 28.44 -18.76
C LYS B 127 -18.13 28.86 -17.28
N ILE B 128 -18.32 27.89 -16.39
CA ILE B 128 -18.27 28.14 -14.96
C ILE B 128 -16.91 28.66 -14.55
N ILE B 129 -15.86 28.05 -15.09
CA ILE B 129 -14.50 28.48 -14.77
C ILE B 129 -14.19 29.92 -15.21
N LYS B 130 -14.56 30.27 -16.44
CA LYS B 130 -14.37 31.64 -16.92
C LYS B 130 -15.14 32.60 -16.03
N GLU B 131 -16.37 32.22 -15.72
CA GLU B 131 -17.22 33.07 -14.88
C GLU B 131 -16.57 33.37 -13.53
N GLU B 132 -16.08 32.32 -12.86
CA GLU B 132 -15.44 32.50 -11.56
C GLU B 132 -14.14 33.27 -11.67
N VAL B 133 -13.39 33.03 -12.74
CA VAL B 133 -12.13 33.74 -12.95
C VAL B 133 -12.33 35.25 -13.13
N LYS B 134 -13.42 35.63 -13.78
CA LYS B 134 -13.74 37.06 -13.88
C LYS B 134 -14.00 37.66 -12.49
N GLU B 135 -14.42 36.79 -11.57
CA GLU B 135 -14.77 37.18 -10.19
C GLU B 135 -13.58 37.27 -9.22
N ILE B 136 -12.35 37.16 -9.71
CA ILE B 136 -11.19 37.23 -8.81
C ILE B 136 -10.25 38.42 -9.03
N LYS B 137 -9.99 39.16 -7.94
CA LYS B 137 -9.32 40.46 -8.05
C LYS B 137 -7.94 40.63 -7.40
N ASP B 138 -7.42 39.62 -6.70
CA ASP B 138 -6.11 39.78 -6.08
C ASP B 138 -4.97 39.13 -6.85
N ILE B 139 -5.31 38.42 -7.92
CA ILE B 139 -4.32 37.73 -8.71
C ILE B 139 -4.60 38.01 -10.18
N ASP B 140 -3.56 38.30 -10.97
CA ASP B 140 -3.72 38.42 -12.42
C ASP B 140 -3.85 37.03 -13.04
N VAL B 141 -5.08 36.65 -13.37
CA VAL B 141 -5.33 35.31 -13.87
C VAL B 141 -6.38 35.34 -14.97
N SER B 142 -6.04 34.75 -16.12
CA SER B 142 -6.94 34.75 -17.27
C SER B 142 -7.14 33.31 -17.81
N VAL B 143 -8.10 33.13 -18.71
CA VAL B 143 -8.31 31.81 -19.28
C VAL B 143 -7.77 31.74 -20.71
N GLU B 144 -6.84 30.80 -20.95
CA GLU B 144 -6.22 30.66 -22.25
C GLU B 144 -7.27 30.19 -23.26
N LYS B 145 -7.19 30.73 -24.48
CA LYS B 145 -8.01 30.30 -25.60
C LYS B 145 -8.08 28.77 -25.67
N GLU B 146 -9.25 28.22 -26.00
CA GLU B 146 -9.40 26.78 -26.05
C GLU B 146 -8.59 26.16 -27.20
N LYS B 147 -7.95 25.04 -26.90
CA LYS B 147 -7.27 24.25 -27.91
C LYS B 147 -8.17 23.09 -28.25
N PRO B 148 -8.45 22.90 -29.54
CA PRO B 148 -9.17 21.67 -29.89
C PRO B 148 -8.31 20.45 -29.56
N GLY B 149 -8.95 19.36 -29.17
CA GLY B 149 -8.22 18.16 -28.82
C GLY B 149 -7.57 18.23 -27.44
N SER B 150 -8.06 19.16 -26.61
CA SER B 150 -7.58 19.25 -25.24
C SER B 150 -8.68 19.10 -24.21
N PRO B 151 -8.44 18.25 -23.19
CA PRO B 151 -9.42 18.00 -22.14
C PRO B 151 -9.34 19.06 -21.05
N ALA B 152 -8.38 19.95 -21.19
CA ALA B 152 -8.10 20.93 -20.16
C ALA B 152 -8.76 22.27 -20.42
N VAL B 153 -9.15 22.92 -19.33
CA VAL B 153 -9.38 24.35 -19.32
C VAL B 153 -8.11 24.93 -18.69
N THR B 154 -7.35 25.68 -19.47
CA THR B 154 -6.05 26.17 -19.05
C THR B 154 -6.09 27.63 -18.60
N LEU B 155 -5.46 27.92 -17.47
CA LEU B 155 -5.40 29.26 -16.89
C LEU B 155 -3.98 29.80 -17.03
N LEU B 156 -3.87 31.10 -17.29
CA LEU B 156 -2.60 31.80 -17.28
C LEU B 156 -2.53 32.79 -16.12
N ILE B 157 -1.64 32.50 -15.17
CA ILE B 157 -1.39 33.37 -14.04
C ILE B 157 -0.06 34.08 -14.24
N ARG B 158 -0.07 35.40 -14.06
CA ARG B 158 1.17 36.15 -14.05
C ARG B 158 1.38 36.53 -12.60
N ASN B 159 2.26 35.81 -11.91
CA ASN B 159 2.56 36.09 -10.52
C ASN B 159 3.29 37.43 -10.56
N PRO B 160 4.62 37.41 -10.58
CA PRO B 160 4.94 38.31 -11.68
C PRO B 160 5.13 37.39 -12.91
N GLU B 161 5.78 36.27 -12.66
CA GLU B 161 6.14 35.31 -13.71
C GLU B 161 4.97 34.51 -14.23
N GLU B 162 5.13 33.96 -15.43
CA GLU B 162 4.07 33.19 -16.07
C GLU B 162 3.98 31.73 -15.55
N ILE B 163 2.78 31.33 -15.17
CA ILE B 163 2.47 30.01 -14.68
C ILE B 163 1.21 29.58 -15.39
N SER B 164 1.21 28.37 -15.95
CA SER B 164 -0.04 27.83 -16.49
C SER B 164 -0.59 26.76 -15.56
N VAL B 165 -1.91 26.67 -15.51
CA VAL B 165 -2.61 25.67 -14.71
C VAL B 165 -3.64 24.97 -15.58
N ASP B 166 -3.54 23.65 -15.74
CA ASP B 166 -4.56 22.88 -16.46
C ASP B 166 -5.58 22.30 -15.52
N ILE B 167 -6.82 22.79 -15.61
CA ILE B 167 -7.94 22.16 -14.91
C ILE B 167 -8.61 21.14 -15.81
N ILE B 168 -8.49 19.88 -15.43
CA ILE B 168 -8.92 18.75 -16.23
C ILE B 168 -10.10 18.05 -15.57
N LEU B 169 -11.27 18.18 -16.19
CA LEU B 169 -12.46 17.48 -15.77
C LEU B 169 -12.25 16.00 -16.02
N ALA B 170 -12.68 15.16 -15.08
CA ALA B 170 -12.57 13.72 -15.27
C ALA B 170 -13.75 13.00 -14.65
N LEU B 171 -14.29 12.01 -15.35
CA LEU B 171 -15.25 11.07 -14.76
C LEU B 171 -14.49 9.99 -14.00
N GLU B 172 -14.88 9.77 -12.75
CA GLU B 172 -14.29 8.69 -11.94
C GLU B 172 -15.22 7.47 -11.96
N SER B 173 -14.73 6.36 -12.51
CA SER B 173 -15.51 5.12 -12.52
C SER B 173 -14.86 4.04 -11.66
N LYS B 174 -15.68 3.31 -10.90
CA LYS B 174 -15.18 2.37 -9.91
C LYS B 174 -15.24 0.91 -10.31
N GLY B 175 -15.68 0.62 -11.52
CA GLY B 175 -15.70 -0.77 -11.97
C GLY B 175 -14.33 -1.31 -12.33
N SER B 176 -14.32 -2.51 -12.92
CA SER B 176 -13.12 -3.05 -13.56
C SER B 176 -12.60 -2.07 -14.58
N TRP B 177 -11.29 -2.09 -14.81
CA TRP B 177 -10.72 -1.30 -15.88
C TRP B 177 -11.14 -1.92 -17.20
N PRO B 178 -11.27 -1.08 -18.23
CA PRO B 178 -11.64 -1.60 -19.56
C PRO B 178 -10.68 -2.68 -20.04
N ILE B 179 -11.21 -3.64 -20.80
CA ILE B 179 -10.45 -4.81 -21.24
C ILE B 179 -9.25 -4.48 -22.12
N SER B 180 -9.26 -3.30 -22.74
CA SER B 180 -8.10 -2.85 -23.51
C SER B 180 -6.83 -2.65 -22.63
N THR B 181 -7.01 -2.51 -21.32
CA THR B 181 -5.88 -2.31 -20.42
C THR B 181 -5.42 -3.62 -19.79
N LYS B 182 -6.05 -4.73 -20.18
CA LYS B 182 -5.84 -6.01 -19.51
C LYS B 182 -4.36 -6.40 -19.53
N GLU B 183 -3.71 -6.16 -20.66
CA GLU B 183 -2.33 -6.55 -20.81
C GLU B 183 -1.41 -5.38 -20.57
N GLY B 184 -1.95 -4.27 -20.10
CA GLY B 184 -1.18 -3.06 -19.89
C GLY B 184 -0.53 -3.07 -18.52
N LEU B 185 0.15 -1.98 -18.16
CA LEU B 185 0.79 -1.85 -16.84
C LEU B 185 1.63 -3.07 -16.48
N PRO B 186 2.62 -3.39 -17.34
CA PRO B 186 3.38 -4.63 -17.19
C PRO B 186 4.49 -4.52 -16.13
N ILE B 187 4.11 -4.23 -14.89
CA ILE B 187 5.06 -3.98 -13.81
C ILE B 187 5.37 -5.23 -12.98
N GLN B 188 4.89 -6.40 -13.40
CA GLN B 188 4.99 -7.64 -12.61
C GLN B 188 6.42 -7.97 -12.16
N GLY B 189 7.40 -7.70 -13.03
CA GLY B 189 8.77 -8.09 -12.73
C GLY B 189 9.55 -7.00 -12.05
N TRP B 190 8.87 -5.89 -11.76
CA TRP B 190 9.52 -4.65 -11.37
C TRP B 190 8.88 -4.14 -10.07
N LEU B 191 7.62 -3.74 -10.11
CA LEU B 191 6.92 -3.33 -8.89
C LEU B 191 6.09 -4.49 -8.28
N GLY B 192 5.85 -5.54 -9.06
CA GLY B 192 5.19 -6.71 -8.54
C GLY B 192 3.72 -6.91 -8.87
N THR B 193 3.23 -8.11 -8.59
CA THR B 193 1.84 -8.47 -8.82
C THR B 193 0.92 -7.86 -7.75
N LYS B 194 1.36 -7.79 -6.50
CA LYS B 194 0.53 -7.18 -5.48
C LYS B 194 0.31 -5.69 -5.76
N VAL B 195 1.37 -5.02 -6.19
CA VAL B 195 1.24 -3.60 -6.52
C VAL B 195 0.31 -3.47 -7.71
N ARG B 196 0.48 -4.30 -8.75
CA ARG B 196 -0.37 -4.21 -9.96
C ARG B 196 -1.85 -4.44 -9.64
N THR B 197 -2.13 -5.48 -8.88
CA THR B 197 -3.47 -5.80 -8.43
C THR B 197 -4.13 -4.68 -7.59
N ASN B 198 -3.38 -4.15 -6.64
CA ASN B 198 -3.84 -2.97 -5.93
C ASN B 198 -4.12 -1.78 -6.85
N LEU B 199 -3.19 -1.49 -7.77
CA LEU B 199 -3.36 -0.31 -8.63
C LEU B 199 -4.61 -0.46 -9.50
N ARG B 200 -4.83 -1.66 -10.02
CA ARG B 200 -6.03 -1.93 -10.79
C ARG B 200 -7.31 -2.04 -9.95
N ARG B 201 -7.20 -2.06 -8.63
CA ARG B 201 -8.41 -1.92 -7.78
C ARG B 201 -8.81 -0.46 -7.59
N GLU B 202 -7.94 0.46 -7.96
CA GLU B 202 -8.24 1.88 -7.94
C GLU B 202 -9.26 2.21 -9.03
N PRO B 203 -9.96 3.35 -8.90
CA PRO B 203 -10.86 3.84 -9.95
C PRO B 203 -10.09 4.11 -11.24
N PHE B 204 -10.79 4.23 -12.37
CA PHE B 204 -10.13 4.66 -13.60
C PHE B 204 -10.84 5.93 -14.07
N TYR B 205 -10.17 6.73 -14.88
CA TYR B 205 -10.70 8.04 -15.19
C TYR B 205 -10.93 8.24 -16.66
N LEU B 206 -11.96 9.01 -16.97
CA LEU B 206 -12.29 9.32 -18.36
C LEU B 206 -12.19 10.82 -18.51
N VAL B 207 -11.64 11.23 -19.63
CA VAL B 207 -11.28 12.62 -19.79
C VAL B 207 -11.82 13.17 -21.11
N PRO B 208 -12.34 14.41 -21.10
CA PRO B 208 -13.03 14.97 -22.27
C PRO B 208 -12.04 15.37 -23.34
N LYS B 209 -11.25 14.42 -23.83
CA LYS B 209 -10.40 14.67 -24.98
C LYS B 209 -11.11 14.13 -26.21
N ASN B 210 -11.24 14.96 -27.23
CA ASN B 210 -11.91 14.52 -28.43
C ASN B 210 -11.02 13.65 -29.32
N ALA B 211 -11.60 12.59 -29.87
CA ALA B 211 -10.93 11.81 -30.91
C ALA B 211 -11.06 12.56 -32.22
N LYS B 212 -10.20 12.25 -33.19
CA LYS B 212 -10.08 13.08 -34.38
C LYS B 212 -10.90 12.60 -35.56
N ASP B 213 -10.28 12.60 -36.74
CA ASP B 213 -10.93 12.35 -38.04
C ASP B 213 -11.92 13.45 -38.42
N GLY B 214 -12.63 13.96 -37.42
CA GLY B 214 -13.73 14.87 -37.66
C GLY B 214 -14.85 14.08 -38.29
N ASN B 215 -14.82 12.77 -38.09
CA ASN B 215 -15.76 11.86 -38.73
C ASN B 215 -16.97 11.55 -37.87
N SER B 216 -16.76 10.75 -36.82
CA SER B 216 -17.87 10.21 -36.07
C SER B 216 -18.28 11.07 -34.87
N PHE B 217 -18.45 10.41 -33.72
CA PHE B 217 -18.93 11.07 -32.51
C PHE B 217 -17.82 11.83 -31.81
N GLN B 218 -16.94 12.46 -32.59
CA GLN B 218 -15.80 13.21 -32.09
C GLN B 218 -16.09 14.00 -30.82
N GLY B 219 -17.15 14.78 -30.85
CA GLY B 219 -17.48 15.69 -29.77
C GLY B 219 -17.99 15.06 -28.48
N GLU B 220 -18.45 13.82 -28.53
CA GLU B 220 -18.94 13.16 -27.33
C GLU B 220 -17.93 12.16 -26.75
N THR B 221 -16.85 11.94 -27.50
CA THR B 221 -15.79 11.01 -27.12
C THR B 221 -15.01 11.45 -25.87
N TRP B 222 -14.76 10.49 -24.98
CA TRP B 222 -13.87 10.69 -23.84
C TRP B 222 -12.62 9.83 -24.00
N ARG B 223 -11.59 10.10 -23.20
CA ARG B 223 -10.39 9.28 -23.22
C ARG B 223 -9.96 8.84 -21.83
N LEU B 224 -9.42 7.63 -21.76
CA LEU B 224 -8.88 7.07 -20.51
C LEU B 224 -7.70 7.88 -20.02
N SER B 225 -7.61 7.99 -18.70
CA SER B 225 -6.49 8.65 -18.06
C SER B 225 -6.05 7.88 -16.81
N PHE B 226 -4.75 7.76 -16.64
CA PHE B 226 -4.16 7.01 -15.55
C PHE B 226 -3.13 7.90 -14.87
N SER B 227 -3.43 9.19 -14.81
CA SER B 227 -2.53 10.18 -14.22
C SER B 227 -2.26 9.84 -12.77
N HIS B 228 -3.26 9.25 -12.13
CA HIS B 228 -3.18 8.86 -10.73
C HIS B 228 -2.21 7.71 -10.54
N THR B 229 -2.34 6.70 -11.40
CA THR B 229 -1.45 5.55 -11.43
C THR B 229 -0.02 5.94 -11.79
N GLU B 230 0.14 6.86 -12.74
CA GLU B 230 1.46 7.34 -13.10
C GLU B 230 2.14 8.11 -11.94
N LYS B 231 1.35 8.89 -11.20
CA LYS B 231 1.86 9.57 -10.01
C LYS B 231 2.35 8.58 -8.94
N TYR B 232 1.54 7.54 -8.70
CA TYR B 232 1.96 6.51 -7.75
C TYR B 232 3.29 5.93 -8.22
N ILE B 233 3.34 5.51 -9.48
CA ILE B 233 4.55 4.87 -10.01
C ILE B 233 5.80 5.77 -9.85
N LEU B 234 5.68 7.03 -10.27
CA LEU B 234 6.81 7.97 -10.22
C LEU B 234 7.34 8.08 -8.80
N ASN B 235 6.42 8.12 -7.84
CA ASN B 235 6.81 8.17 -6.42
C ASN B 235 7.06 6.82 -5.69
N ASN B 236 6.88 5.71 -6.38
CA ASN B 236 7.15 4.37 -5.82
C ASN B 236 7.79 3.57 -6.94
N HIS B 237 8.97 4.01 -7.39
CA HIS B 237 9.52 3.58 -8.67
C HIS B 237 10.56 2.47 -8.59
N GLY B 238 10.91 2.03 -7.39
CA GLY B 238 12.00 1.06 -7.27
C GLY B 238 11.54 -0.36 -7.11
N ILE B 239 12.45 -1.30 -7.33
CA ILE B 239 12.14 -2.69 -7.03
C ILE B 239 12.34 -2.92 -5.54
N GLU B 240 13.28 -2.17 -4.94
CA GLU B 240 13.41 -2.20 -3.48
C GLU B 240 12.49 -1.14 -2.90
N LYS B 241 11.92 -1.42 -1.72
CA LYS B 241 10.92 -0.56 -1.13
C LYS B 241 11.53 0.79 -0.68
N THR B 242 12.84 0.77 -0.46
CA THR B 242 13.56 1.89 0.14
C THR B 242 14.31 2.77 -0.88
N CYS B 243 14.09 2.52 -2.17
CA CYS B 243 14.71 3.33 -3.23
C CYS B 243 14.40 4.82 -3.03
N CYS B 244 15.45 5.64 -3.00
CA CYS B 244 15.33 7.11 -2.75
C CYS B 244 14.67 7.48 -1.43
N GLU B 245 14.60 6.55 -0.48
CA GLU B 245 14.10 6.89 0.86
C GLU B 245 15.27 7.28 1.75
N SER B 246 15.00 7.91 2.89
CA SER B 246 16.09 8.36 3.77
C SER B 246 16.97 7.22 4.32
N SER B 247 16.44 5.99 4.44
CA SER B 247 17.27 4.85 4.83
C SER B 247 17.53 3.87 3.68
N GLY B 248 17.37 4.37 2.45
CA GLY B 248 17.67 3.57 1.27
C GLY B 248 18.74 4.24 0.44
N ALA B 249 18.90 3.82 -0.81
CA ALA B 249 19.87 4.44 -1.70
C ALA B 249 19.19 5.13 -2.87
N LYS B 250 19.74 6.27 -3.25
CA LYS B 250 19.28 7.02 -4.41
C LYS B 250 19.46 6.26 -5.74
N CYS B 251 18.49 6.38 -6.64
CA CYS B 251 18.70 5.94 -8.02
C CYS B 251 18.67 7.18 -8.90
N CYS B 252 18.91 7.03 -10.20
CA CYS B 252 18.83 8.17 -11.12
C CYS B 252 17.65 8.08 -12.10
N ARG B 253 16.57 7.40 -11.71
CA ARG B 253 15.46 7.23 -12.64
C ARG B 253 14.80 8.59 -12.96
N LYS B 254 14.43 9.30 -11.90
CA LYS B 254 13.82 10.62 -12.04
C LYS B 254 14.73 11.56 -12.80
N GLU B 255 16.03 11.50 -12.54
CA GLU B 255 16.92 12.45 -13.23
C GLU B 255 17.08 12.17 -14.72
N CYS B 256 17.01 10.90 -15.11
CA CYS B 256 16.97 10.56 -16.54
C CYS B 256 15.70 11.09 -17.17
N LEU B 257 14.58 10.96 -16.45
CA LEU B 257 13.34 11.54 -16.97
C LEU B 257 13.50 13.06 -17.16
N LYS B 258 14.17 13.70 -16.22
CA LYS B 258 14.32 15.15 -16.27
C LYS B 258 15.17 15.54 -17.49
N LEU B 259 16.31 14.87 -17.66
CA LEU B 259 17.22 15.15 -18.78
C LEU B 259 16.56 14.94 -20.13
N MET B 260 15.84 13.83 -20.27
CA MET B 260 15.11 13.55 -21.51
C MET B 260 14.02 14.62 -21.78
N LYS B 261 13.25 14.95 -20.75
CA LYS B 261 12.25 16.00 -20.88
C LYS B 261 12.89 17.31 -21.32
N TYR B 262 14.06 17.62 -20.76
CA TYR B 262 14.79 18.84 -21.10
C TYR B 262 15.25 18.82 -22.57
N LEU B 263 15.78 17.69 -23.01
CA LEU B 263 16.23 17.53 -24.38
C LEU B 263 15.08 17.83 -25.32
N LEU B 264 13.95 17.19 -25.08
CA LEU B 264 12.77 17.41 -25.90
C LEU B 264 12.22 18.85 -25.83
N GLU B 265 12.12 19.43 -24.62
CA GLU B 265 11.74 20.84 -24.47
C GLU B 265 12.62 21.77 -25.31
N GLN B 266 13.93 21.56 -25.27
CA GLN B 266 14.86 22.42 -25.97
C GLN B 266 14.72 22.28 -27.49
N LEU B 267 14.75 21.02 -27.95
CA LEU B 267 14.56 20.72 -29.36
C LEU B 267 13.25 21.30 -29.88
N LYS B 268 12.19 21.13 -29.11
CA LYS B 268 10.88 21.68 -29.48
C LYS B 268 10.86 23.20 -29.54
N LYS B 269 11.49 23.89 -28.59
CA LYS B 269 11.59 25.35 -28.66
C LYS B 269 12.28 25.80 -29.94
N GLU B 270 13.30 25.06 -30.35
CA GLU B 270 14.06 25.45 -31.54
C GLU B 270 13.37 25.09 -32.85
N PHE B 271 12.68 23.95 -32.89
CA PHE B 271 12.16 23.41 -34.15
C PHE B 271 10.64 23.17 -34.20
N GLN B 272 9.95 24.03 -34.96
CA GLN B 272 8.51 23.88 -35.22
C GLN B 272 8.15 22.49 -35.77
N GLU B 273 9.11 21.87 -36.44
CA GLU B 273 8.94 20.57 -37.06
C GLU B 273 8.70 19.44 -36.05
N LEU B 274 8.79 19.77 -34.76
CA LEU B 274 8.66 18.79 -33.69
C LEU B 274 7.39 18.99 -32.88
N ASP B 275 6.42 19.68 -33.46
CA ASP B 275 5.16 20.01 -32.78
C ASP B 275 4.36 18.77 -32.35
N ALA B 276 4.42 17.70 -33.14
CA ALA B 276 3.65 16.50 -32.86
C ALA B 276 4.09 15.81 -31.56
N PHE B 277 5.38 15.96 -31.23
CA PHE B 277 5.98 15.34 -30.07
C PHE B 277 5.69 16.09 -28.77
N CYS B 278 5.74 15.36 -27.66
CA CYS B 278 5.39 15.90 -26.35
C CYS B 278 6.03 15.10 -25.23
N SER B 279 5.99 15.66 -24.03
CA SER B 279 6.58 15.03 -22.85
C SER B 279 5.93 13.68 -22.52
N TYR B 280 4.67 13.49 -22.90
CA TYR B 280 4.02 12.23 -22.57
C TYR B 280 4.73 11.07 -23.30
N HIS B 281 5.24 11.34 -24.51
CA HIS B 281 6.02 10.34 -25.25
C HIS B 281 7.27 9.91 -24.48
N VAL B 282 7.95 10.89 -23.90
CA VAL B 282 9.13 10.64 -23.08
C VAL B 282 8.78 9.85 -21.80
N LYS B 283 7.69 10.23 -21.14
CA LYS B 283 7.24 9.54 -19.93
C LYS B 283 6.93 8.07 -20.23
N THR B 284 6.21 7.85 -21.33
CA THR B 284 5.85 6.50 -21.75
C THR B 284 7.11 5.68 -22.05
N ALA B 285 8.05 6.31 -22.74
CA ALA B 285 9.27 5.59 -23.13
C ALA B 285 10.06 5.20 -21.91
N ILE B 286 10.16 6.11 -20.93
CA ILE B 286 10.92 5.76 -19.76
C ILE B 286 10.22 4.72 -18.89
N PHE B 287 8.88 4.71 -18.91
CA PHE B 287 8.13 3.66 -18.21
C PHE B 287 8.49 2.29 -18.78
N HIS B 288 8.52 2.22 -20.11
CA HIS B 288 8.95 0.97 -20.73
C HIS B 288 10.40 0.64 -20.34
N MET B 289 11.27 1.65 -20.28
CA MET B 289 12.68 1.38 -19.94
C MET B 289 12.82 0.89 -18.51
N TRP B 290 12.04 1.46 -17.62
CA TRP B 290 12.04 1.07 -16.21
C TRP B 290 11.54 -0.35 -16.10
N THR B 291 10.73 -0.76 -17.09
CA THR B 291 10.24 -2.13 -17.12
C THR B 291 11.29 -3.11 -17.64
N GLN B 292 11.99 -2.73 -18.70
CA GLN B 292 13.08 -3.51 -19.27
C GLN B 292 14.19 -3.76 -18.25
N ASP B 293 14.57 -2.69 -17.54
CA ASP B 293 15.64 -2.74 -16.54
C ASP B 293 15.09 -2.41 -15.16
N PRO B 294 14.50 -3.41 -14.50
CA PRO B 294 13.80 -3.22 -13.22
C PRO B 294 14.72 -3.00 -12.01
N GLN B 295 15.93 -3.54 -12.04
CA GLN B 295 16.84 -3.48 -10.88
C GLN B 295 17.28 -2.05 -10.60
N ASP B 296 17.29 -1.66 -9.34
CA ASP B 296 17.68 -0.31 -8.94
C ASP B 296 19.16 -0.10 -9.24
N SER B 297 19.90 -1.21 -9.21
CA SER B 297 21.33 -1.18 -9.52
C SER B 297 21.58 -0.80 -10.98
N GLN B 298 20.60 -1.03 -11.82
CA GLN B 298 20.69 -0.63 -13.23
C GLN B 298 20.41 0.85 -13.40
N TRP B 299 20.09 1.53 -12.29
CA TRP B 299 19.90 2.98 -12.30
C TRP B 299 20.74 3.66 -11.21
N ASP B 300 21.95 3.12 -11.00
CA ASP B 300 22.87 3.70 -10.03
C ASP B 300 23.25 5.12 -10.47
N PRO B 301 23.24 6.08 -9.52
CA PRO B 301 23.54 7.49 -9.81
C PRO B 301 24.90 7.66 -10.50
N ARG B 302 25.86 6.86 -10.07
CA ARG B 302 27.19 6.85 -10.67
C ARG B 302 27.19 6.45 -12.15
N ASN B 303 26.07 5.92 -12.64
CA ASN B 303 25.98 5.51 -14.04
C ASN B 303 25.02 6.39 -14.82
N LEU B 304 24.76 7.59 -14.29
CA LEU B 304 23.86 8.56 -14.91
C LEU B 304 24.02 8.63 -16.44
N SER B 305 25.24 8.92 -16.89
CA SER B 305 25.50 9.02 -18.33
C SER B 305 25.05 7.79 -19.11
N SER B 306 25.53 6.61 -18.71
CA SER B 306 25.17 5.44 -19.49
C SER B 306 23.66 5.25 -19.42
N CYS B 307 23.07 5.54 -18.25
CA CYS B 307 21.62 5.38 -18.10
C CYS B 307 20.88 6.31 -19.04
N PHE B 308 21.38 7.54 -19.19
CA PHE B 308 20.72 8.46 -20.07
C PHE B 308 20.90 7.93 -21.48
N ASP B 309 22.12 7.48 -21.77
CA ASP B 309 22.42 7.01 -23.13
C ASP B 309 21.49 5.88 -23.55
N LYS B 310 21.35 4.87 -22.68
CA LYS B 310 20.46 3.75 -22.98
C LYS B 310 19.02 4.26 -23.18
N LEU B 311 18.58 5.22 -22.36
CA LEU B 311 17.26 5.81 -22.55
C LEU B 311 17.15 6.38 -23.97
N LEU B 312 18.16 7.17 -24.35
CA LEU B 312 18.21 7.79 -25.67
C LEU B 312 18.10 6.71 -26.75
N ALA B 313 18.85 5.62 -26.57
CA ALA B 313 18.90 4.66 -27.67
C ALA B 313 17.53 4.04 -27.78
N PHE B 314 16.90 3.78 -26.63
CA PHE B 314 15.60 3.15 -26.65
C PHE B 314 14.63 4.06 -27.42
N PHE B 315 14.70 5.37 -27.13
CA PHE B 315 13.79 6.32 -27.74
C PHE B 315 13.98 6.30 -29.26
N LEU B 316 15.25 6.24 -29.69
CA LEU B 316 15.54 6.24 -31.12
C LEU B 316 14.95 5.01 -31.75
N GLU B 317 15.02 3.89 -31.01
CA GLU B 317 14.52 2.62 -31.52
C GLU B 317 13.05 2.80 -31.77
N CYS B 318 12.37 3.45 -30.83
CA CYS B 318 10.93 3.67 -30.96
C CYS B 318 10.64 4.53 -32.17
N LEU B 319 11.49 5.52 -32.41
CA LEU B 319 11.27 6.38 -33.56
C LEU B 319 11.51 5.57 -34.82
N ARG B 320 12.54 4.72 -34.80
CA ARG B 320 12.94 4.00 -36.00
C ARG B 320 11.86 2.99 -36.40
N THR B 321 11.47 2.15 -35.44
CA THR B 321 10.41 1.16 -35.64
C THR B 321 9.03 1.80 -35.71
N GLU B 322 8.94 3.10 -35.46
CA GLU B 322 7.67 3.82 -35.39
C GLU B 322 6.69 3.17 -34.41
N LYS B 323 7.19 2.74 -33.26
CA LYS B 323 6.34 2.09 -32.27
C LYS B 323 6.59 2.63 -30.87
N LEU B 324 5.55 3.19 -30.26
CA LEU B 324 5.59 3.57 -28.85
C LEU B 324 4.24 3.26 -28.22
N ASP B 325 4.09 2.06 -27.65
CA ASP B 325 2.81 1.63 -27.11
C ASP B 325 2.54 2.39 -25.84
N HIS B 326 1.33 2.93 -25.75
CA HIS B 326 0.81 3.46 -24.49
C HIS B 326 1.03 2.40 -23.41
N TYR B 327 1.57 2.83 -22.26
CA TYR B 327 1.98 1.91 -21.19
C TYR B 327 0.81 1.18 -20.55
N PHE B 328 -0.38 1.79 -20.59
CA PHE B 328 -1.55 1.17 -19.95
C PHE B 328 -2.47 0.52 -20.96
N ILE B 329 -2.23 0.82 -22.23
CA ILE B 329 -3.12 0.40 -23.32
C ILE B 329 -2.26 -0.05 -24.50
N PRO B 330 -1.83 -1.33 -24.48
CA PRO B 330 -0.91 -1.93 -25.45
C PRO B 330 -1.23 -1.70 -26.93
N LYS B 331 -2.51 -1.76 -27.32
CA LYS B 331 -2.88 -1.69 -28.72
C LYS B 331 -2.76 -0.29 -29.29
N PHE B 332 -2.48 0.66 -28.40
CA PHE B 332 -2.48 2.08 -28.72
C PHE B 332 -1.07 2.61 -28.98
N ASN B 333 -0.74 2.72 -30.26
CA ASN B 333 0.60 3.12 -30.71
C ASN B 333 0.77 4.64 -30.85
N LEU B 334 1.38 5.26 -29.85
CA LEU B 334 1.56 6.71 -29.80
C LEU B 334 2.34 7.25 -31.00
N PHE B 335 3.11 6.39 -31.66
CA PHE B 335 3.92 6.79 -32.80
C PHE B 335 3.40 6.21 -34.12
N SER B 336 2.10 5.97 -34.20
CA SER B 336 1.54 5.44 -35.44
C SER B 336 1.77 6.47 -36.53
N GLN B 337 1.85 6.02 -37.79
CA GLN B 337 2.07 6.97 -38.87
C GLN B 337 0.88 7.92 -38.96
N GLU B 338 -0.27 7.47 -38.45
CA GLU B 338 -1.48 8.27 -38.39
C GLU B 338 -1.29 9.50 -37.49
N LEU B 339 -0.82 9.25 -36.28
CA LEU B 339 -0.63 10.30 -35.28
C LEU B 339 0.58 11.19 -35.58
N ILE B 340 1.70 10.55 -35.91
CA ILE B 340 2.94 11.26 -36.18
C ILE B 340 3.53 10.91 -37.53
N ASP B 341 3.72 11.94 -38.36
CA ASP B 341 4.28 11.79 -39.69
C ASP B 341 5.67 11.16 -39.64
N ARG B 342 5.94 10.27 -40.58
CA ARG B 342 7.23 9.59 -40.66
C ARG B 342 8.39 10.58 -40.77
N LYS B 343 8.18 11.63 -41.57
CA LYS B 343 9.18 12.67 -41.77
C LYS B 343 9.53 13.29 -40.42
N SER B 344 8.51 13.54 -39.60
CA SER B 344 8.73 14.11 -38.27
C SER B 344 9.63 13.25 -37.38
N LYS B 345 9.41 11.93 -37.42
CA LYS B 345 10.20 11.01 -36.60
C LYS B 345 11.63 10.88 -37.12
N GLU B 346 11.80 10.90 -38.43
CA GLU B 346 13.15 10.99 -38.96
C GLU B 346 13.86 12.29 -38.53
N PHE B 347 13.13 13.40 -38.53
CA PHE B 347 13.70 14.67 -38.11
C PHE B 347 14.17 14.64 -36.65
N LEU B 348 13.27 14.28 -35.74
CA LEU B 348 13.65 14.15 -34.34
C LEU B 348 14.81 13.17 -34.16
N SER B 349 14.80 12.06 -34.91
CA SER B 349 15.87 11.07 -34.86
C SER B 349 17.21 11.71 -35.14
N LYS B 350 17.26 12.47 -36.24
CA LYS B 350 18.51 13.13 -36.64
C LYS B 350 18.98 14.19 -35.63
N LYS B 351 18.06 15.02 -35.16
CA LYS B 351 18.40 15.99 -34.11
C LYS B 351 18.95 15.34 -32.84
N ILE B 352 18.25 14.34 -32.34
CA ILE B 352 18.68 13.61 -31.14
C ILE B 352 20.05 12.97 -31.34
N GLU B 353 20.24 12.33 -32.48
CA GLU B 353 21.54 11.74 -32.80
C GLU B 353 22.67 12.78 -32.84
N TYR B 354 22.38 13.94 -33.45
CA TYR B 354 23.31 15.07 -33.45
C TYR B 354 23.74 15.46 -32.04
N GLU B 355 22.76 15.79 -31.21
CA GLU B 355 22.99 16.20 -29.83
C GLU B 355 23.77 15.15 -29.05
N ARG B 356 23.41 13.89 -29.25
CA ARG B 356 24.04 12.77 -28.54
C ARG B 356 25.49 12.63 -28.94
N ASN B 357 25.76 12.72 -30.24
CA ASN B 357 27.12 12.59 -30.77
C ASN B 357 28.02 13.80 -30.52
N ASN B 358 27.43 14.93 -30.12
CA ASN B 358 28.27 16.11 -29.86
C ASN B 358 28.25 16.63 -28.43
N GLY B 359 27.95 15.77 -27.47
CA GLY B 359 27.95 16.18 -26.08
C GLY B 359 26.88 17.23 -25.76
N PHE B 360 25.72 17.06 -26.39
CA PHE B 360 24.53 17.87 -26.12
C PHE B 360 24.77 19.39 -25.97
N PRO B 361 25.20 20.06 -27.05
CA PRO B 361 25.37 21.52 -27.05
C PRO B 361 24.10 22.26 -26.62
N ILE B 362 22.95 21.68 -26.91
CA ILE B 362 21.67 22.33 -26.66
C ILE B 362 21.34 22.34 -25.17
N PHE B 363 22.11 21.61 -24.37
CA PHE B 363 22.01 21.70 -22.91
C PHE B 363 22.73 22.95 -22.41
N ASP B 364 23.50 23.60 -23.29
CA ASP B 364 24.24 24.78 -22.89
C ASP B 364 23.50 26.08 -23.19
N LYS B 365 22.65 26.08 -24.21
CA LYS B 365 21.94 27.30 -24.58
C LYS B 365 20.72 27.57 -23.70
N LEU B 366 19.91 28.55 -24.08
CA LEU B 366 18.78 28.98 -23.26
C LEU B 366 17.43 28.61 -23.91
ZN ZN G . 10.19 -13.90 0.19
C2 1SY H . -3.95 -10.75 20.04
N01 1SY H . -1.30 -9.44 22.21
C6 1SY H . -2.26 -10.35 21.60
N1 1SY H . -3.07 -9.94 20.61
N3 1SY H . -4.08 -12.00 20.42
C4 1SY H . -3.31 -12.51 21.41
C5 1SY H . -2.35 -11.69 22.05
N7 1SY H . -1.73 -12.47 22.99
C8 1SY H . -2.27 -13.70 22.95
N9 1SY H . -3.23 -13.75 21.99
C1' 1SY H . -4.01 -14.85 21.66
C2' 1SY H . -3.29 -15.77 20.73
O2' 1SY H . -4.25 -16.48 19.95
C3' 1SY H . -2.61 -16.69 21.65
C4' 1SY H . -3.64 -16.92 22.67
C16 1SY H . -3.08 -17.28 24.03
O17 1SY H . -2.40 -16.18 24.51
P18 1SY H . -1.47 -16.39 25.80
O19 1SY H . -1.99 -17.53 26.74
O20 1SY H . 0.09 -16.48 25.51
C21 1SY H . 0.53 -16.63 24.17
C22 1SY H . 0.63 -18.04 23.82
O23 1SY H . 0.93 -18.87 24.98
C24 1SY H . 1.73 -18.11 22.87
C25 1SY H . 1.28 -18.53 21.50
O26 1SY H . 0.44 -17.48 20.97
P27 1SY H . -0.81 -17.91 20.13
O28 1SY H . -2.20 -17.89 20.94
O29 1SY H . -0.59 -19.19 19.35
O30 1SY H . -0.91 -16.88 19.09
O31 1SY H . 2.38 -16.76 22.79
C32 1SY H . 1.95 -16.11 24.01
N33 1SY H . 2.10 -14.71 23.93
C34 1SY H . 2.77 -13.94 24.80
N35 1SY H . 2.73 -12.66 24.40
C36 1SY H . 1.63 -13.90 22.92
C37 1SY H . 2.02 -12.59 23.22
C38 1SY H . 1.64 -11.55 22.29
N39 1SY H . 0.91 -11.87 21.19
C40 1SY H . 0.57 -13.12 20.96
N41 1SY H . -0.18 -13.43 19.81
N42 1SY H . 0.91 -14.11 21.79
O43 1SY H . 1.99 -10.22 22.51
O44 1SY H . -1.62 -15.13 26.58
O4' 1SY H . -4.34 -15.65 22.82
ZN ZN I . 14.86 5.67 -6.59
C2 1SY J . -5.48 13.71 -17.73
N01 1SY J . -5.50 11.49 -20.62
C6 1SY J . -5.33 12.68 -19.82
N1 1SY J . -5.63 12.65 -18.52
N3 1SY J . -5.04 14.86 -18.20
C4 1SY J . -4.72 15.00 -19.50
C5 1SY J . -4.85 13.89 -20.37
N7 1SY J . -4.45 14.33 -21.61
C8 1SY J . -4.08 15.62 -21.54
N9 1SY J . -4.23 16.04 -20.27
C1' 1SY J . -3.97 17.32 -19.83
C2' 1SY J . -2.56 17.51 -19.38
O2' 1SY J . -2.54 18.45 -18.31
C3' 1SY J . -1.88 18.02 -20.57
C4' 1SY J . -2.88 18.86 -21.20
C16 1SY J . -2.70 18.97 -22.68
O17 1SY J . -3.03 17.78 -23.31
P18 1SY J . -2.81 17.84 -24.90
O19 1SY J . -2.96 19.29 -25.49
O20 1SY J . -1.46 17.15 -25.36
C21 1SY J . -0.54 16.78 -24.36
C22 1SY J . 0.48 17.80 -24.22
O23 1SY J . 0.74 18.40 -25.52
C24 1SY J . 1.68 17.09 -23.78
C25 1SY J . 2.06 17.43 -22.37
O26 1SY J . 0.98 17.07 -21.46
P27 1SY J . 0.72 17.97 -20.18
O28 1SY J . -0.68 18.76 -20.24
O29 1SY J . 1.91 18.81 -19.77
O30 1SY J . 0.53 17.02 -19.09
O31 1SY J . 1.42 15.61 -23.94
C32 1SY J . 0.23 15.52 -24.74
N33 1SY J . -0.42 14.31 -24.48
C34 1SY J . -0.79 13.40 -25.40
N35 1SY J . -1.37 12.35 -24.77
C36 1SY J . -0.77 13.84 -23.23
C37 1SY J . -1.39 12.59 -23.42
C38 1SY J . -1.83 11.90 -22.25
N39 1SY J . -1.67 12.45 -21.02
C40 1SY J . -1.09 13.64 -20.91
N41 1SY J . -0.92 14.22 -19.62
N42 1SY J . -0.65 14.31 -21.98
O43 1SY J . -2.45 10.65 -22.37
O44 1SY J . -3.93 17.05 -25.48
O4' 1SY J . -4.15 18.21 -20.94
#